data_7MW1
#
_entry.id   7MW1
#
_cell.length_a   67.694
_cell.length_b   181.439
_cell.length_c   78.945
_cell.angle_alpha   90.000
_cell.angle_beta   94.025
_cell.angle_gamma   90.000
#
_symmetry.space_group_name_H-M   'P 1 21 1'
#
loop_
_entity.id
_entity.type
_entity.pdbx_description
1 polymer 'Nuclear pore complex protein Nup93'
2 polymer 'Nucleoporin Nup35'
#
loop_
_entity_poly.entity_id
_entity_poly.type
_entity_poly.pdbx_seq_one_letter_code
_entity_poly.pdbx_strand_id
1 'polypeptide(L)'
;SSGLNDIFEAQKIEWHEGSAGGSGGSGRSSLDNIEMAYARQIYIYNEKIVNGHLQPNLVDLCASVAELDDKSISDMWTMV
KQMTDVLLTPATDALKNRSSVEVRMEFVRQALAYLEQSYKNYTLVTVFGNLHQAQLGGVPGTYQLVRSFLNIKLPAPLPG
LQDGEVEGHPVWALIYYCMRCGDLLAASQVVNRAQHQLGEFKTWFQEYMNSKDRRLSPATENKLRLHYRRALRNNTDPYK
RAVYCIIGRCDVTDNQSEVADKTEDYLWLKLNQVCFDDDGTSSPQDRLTLSQFQKQLLEDYGESHFTVNQQPFLYFQVLF
LTAQFEAAVAFLFRMERLRCHAVHVALVLFELKLLLKSSGQSAQLLSHEPGDPPCLRRLNFVRLLMLYTRKFESTDPREA
LQYFYFLRDEKDSQGENMFLRCVSELVIESREFDMILGKLENDGSRKPGVIDKFTSDTKPIINKVASVAENKGLFEEAAK
LYDLAKNADKVLELMNKLLSPVVPQISAPQSNKERLKNMALSIAERYRAQGISANKFVDSTFYLLLDLITFFDEYHSGHI
DRAFDIIERLKLVPLNQESVEERVAAFRNFSDEIRHNLSEVLLATMNILFTQFKRLKGTSPSSSSRPQRVIEDRDSQLRS
QARTLITFAGMIPYRTSGDTNARLVQMEVLMN
;
A,B
2 'polypeptide(L)' SDKSGAPPVRSIYDDISSPGLGSTPLTSRRQPNISVMQSPLVGVTSTPGTGQSMFSPASIGQPRKTTL D,C
#
# COMPACT_ATOMS: atom_id res chain seq x y z
N SER A 29 -4.42 0.86 -30.21
CA SER A 29 -4.72 -0.20 -29.26
C SER A 29 -4.75 -1.56 -29.93
N SER A 30 -4.10 -2.56 -29.33
CA SER A 30 -3.99 -3.90 -29.89
C SER A 30 -5.05 -4.90 -29.39
N LEU A 31 -6.04 -4.43 -28.64
CA LEU A 31 -7.08 -5.26 -28.01
C LEU A 31 -8.42 -5.19 -28.74
N ASP A 32 -8.95 -6.34 -29.16
CA ASP A 32 -10.25 -6.37 -29.82
C ASP A 32 -11.40 -6.12 -28.82
N ASN A 33 -12.60 -5.86 -29.37
CA ASN A 33 -13.73 -5.44 -28.52
C ASN A 33 -13.89 -6.39 -27.33
N ILE A 34 -13.89 -7.69 -27.63
CA ILE A 34 -14.08 -8.72 -26.62
C ILE A 34 -12.94 -8.69 -25.60
N GLU A 35 -11.71 -8.64 -26.09
CA GLU A 35 -10.55 -8.64 -25.19
C GLU A 35 -10.58 -7.44 -24.28
N MET A 36 -10.98 -6.29 -24.81
CA MET A 36 -10.99 -5.06 -24.01
C MET A 36 -11.96 -5.21 -22.84
N ALA A 37 -13.18 -5.67 -23.13
CA ALA A 37 -14.18 -5.86 -22.09
C ALA A 37 -13.67 -6.78 -20.99
N TYR A 38 -12.97 -7.85 -21.36
CA TYR A 38 -12.36 -8.74 -20.37
C TYR A 38 -11.34 -8.00 -19.52
N ALA A 39 -10.53 -7.15 -20.16
CA ALA A 39 -9.53 -6.41 -19.41
C ALA A 39 -10.19 -5.61 -18.29
N ARG A 40 -11.24 -4.86 -18.64
CA ARG A 40 -11.95 -4.08 -17.62
C ARG A 40 -12.44 -4.96 -16.48
N GLN A 41 -12.99 -6.14 -16.80
CA GLN A 41 -13.44 -7.05 -15.74
C GLN A 41 -12.27 -7.51 -14.89
N ILE A 42 -11.11 -7.76 -15.50
CA ILE A 42 -9.95 -8.17 -14.72
C ILE A 42 -9.38 -7.00 -13.93
N TYR A 43 -9.61 -5.77 -14.37
CA TYR A 43 -9.21 -4.63 -13.54
C TYR A 43 -10.04 -4.58 -12.26
N ILE A 44 -11.35 -4.80 -12.38
CA ILE A 44 -12.21 -4.85 -11.19
C ILE A 44 -11.69 -5.91 -10.23
N TYR A 45 -11.62 -7.15 -10.70
CA TYR A 45 -11.12 -8.24 -9.86
C TYR A 45 -9.79 -7.90 -9.20
N ASN A 46 -8.95 -7.11 -9.87
CA ASN A 46 -7.72 -6.67 -9.24
C ASN A 46 -7.97 -5.53 -8.25
N GLU A 47 -8.79 -4.55 -8.65
CA GLU A 47 -9.11 -3.46 -7.73
C GLU A 47 -9.70 -3.99 -6.43
N LYS A 48 -10.48 -5.08 -6.50
CA LYS A 48 -11.05 -5.65 -5.29
C LYS A 48 -9.95 -6.25 -4.41
N ILE A 49 -9.03 -7.00 -5.00
CA ILE A 49 -7.99 -7.62 -4.18
C ILE A 49 -6.96 -6.59 -3.76
N VAL A 50 -6.77 -5.52 -4.54
CA VAL A 50 -5.80 -4.49 -4.17
C VAL A 50 -6.32 -3.64 -3.01
N ASN A 51 -7.64 -3.53 -2.85
CA ASN A 51 -8.21 -2.82 -1.72
C ASN A 51 -8.74 -3.77 -0.65
N GLY A 52 -8.36 -5.06 -0.71
CA GLY A 52 -8.69 -6.00 0.33
C GLY A 52 -10.12 -6.47 0.36
N HIS A 53 -10.95 -6.06 -0.59
CA HIS A 53 -12.37 -6.39 -0.56
C HIS A 53 -12.61 -7.90 -0.72
N LEU A 54 -13.90 -8.24 -0.70
CA LEU A 54 -14.36 -9.60 -0.97
C LEU A 54 -13.82 -10.11 -2.30
N GLN A 55 -13.37 -11.38 -2.30
CA GLN A 55 -12.92 -12.04 -3.52
C GLN A 55 -14.16 -12.35 -4.36
N PRO A 56 -14.48 -11.56 -5.38
CA PRO A 56 -15.70 -11.83 -6.14
C PRO A 56 -15.53 -13.07 -7.02
N ASN A 57 -16.64 -13.53 -7.56
CA ASN A 57 -16.61 -14.72 -8.41
C ASN A 57 -16.01 -14.35 -9.76
N LEU A 58 -14.81 -14.86 -10.05
CA LEU A 58 -14.17 -14.57 -11.32
C LEU A 58 -15.00 -15.09 -12.48
N VAL A 59 -15.48 -16.33 -12.37
CA VAL A 59 -16.28 -16.93 -13.44
C VAL A 59 -17.46 -16.04 -13.79
N ASP A 60 -18.07 -15.41 -12.77
CA ASP A 60 -19.16 -14.48 -13.04
C ASP A 60 -18.65 -13.22 -13.72
N LEU A 61 -17.47 -12.73 -13.32
CA LEU A 61 -16.92 -11.54 -13.93
C LEU A 61 -16.57 -11.75 -15.40
N CYS A 62 -16.29 -12.99 -15.80
CA CYS A 62 -15.98 -13.27 -17.20
C CYS A 62 -17.23 -13.51 -18.02
N ALA A 63 -18.21 -14.22 -17.46
CA ALA A 63 -19.48 -14.41 -18.17
C ALA A 63 -20.21 -13.10 -18.39
N SER A 64 -19.86 -12.06 -17.64
CA SER A 64 -20.51 -10.76 -17.83
C SER A 64 -20.23 -10.20 -19.23
N VAL A 65 -19.05 -10.48 -19.78
CA VAL A 65 -18.74 -10.03 -21.13
C VAL A 65 -19.27 -11.02 -22.15
N ALA A 66 -19.30 -12.31 -21.81
CA ALA A 66 -19.72 -13.33 -22.77
C ALA A 66 -21.08 -13.01 -23.37
N GLU A 67 -22.01 -12.50 -22.56
CA GLU A 67 -23.34 -12.20 -23.05
C GLU A 67 -23.34 -11.12 -24.13
N LEU A 68 -22.27 -10.34 -24.23
CA LEU A 68 -22.13 -9.35 -25.29
C LEU A 68 -21.76 -9.97 -26.63
N ASP A 69 -21.44 -11.26 -26.65
CA ASP A 69 -21.05 -11.99 -27.85
C ASP A 69 -22.12 -13.04 -28.16
N ASP A 70 -21.87 -13.81 -29.22
CA ASP A 70 -22.81 -14.87 -29.57
C ASP A 70 -22.88 -15.91 -28.45
N LYS A 71 -23.96 -16.69 -28.46
CA LYS A 71 -24.17 -17.68 -27.42
C LYS A 71 -23.15 -18.82 -27.47
N SER A 72 -22.36 -18.92 -28.53
CA SER A 72 -21.29 -19.91 -28.56
C SER A 72 -20.37 -19.75 -27.35
N ILE A 73 -20.16 -18.51 -26.93
CA ILE A 73 -19.26 -18.22 -25.81
C ILE A 73 -20.00 -18.27 -24.48
N SER A 74 -21.24 -17.79 -24.45
CA SER A 74 -22.03 -17.83 -23.22
C SER A 74 -22.20 -19.25 -22.73
N ASP A 75 -22.62 -20.16 -23.62
CA ASP A 75 -22.79 -21.56 -23.23
C ASP A 75 -21.48 -22.18 -22.76
N MET A 76 -20.33 -21.62 -23.15
CA MET A 76 -19.06 -22.12 -22.62
C MET A 76 -18.94 -21.78 -21.14
N TRP A 77 -19.05 -20.50 -20.80
CA TRP A 77 -18.92 -20.09 -19.40
C TRP A 77 -19.95 -20.79 -18.52
N THR A 78 -21.17 -20.98 -19.04
CA THR A 78 -22.15 -21.77 -18.30
C THR A 78 -21.57 -23.13 -17.92
N MET A 79 -20.87 -23.78 -18.85
CA MET A 79 -20.21 -25.04 -18.55
C MET A 79 -19.06 -24.85 -17.56
N VAL A 80 -18.33 -23.74 -17.69
CA VAL A 80 -17.19 -23.49 -16.81
C VAL A 80 -17.67 -23.32 -15.38
N LYS A 81 -18.71 -22.52 -15.18
CA LYS A 81 -19.24 -22.31 -13.84
C LYS A 81 -19.72 -23.63 -13.24
N GLN A 82 -20.53 -24.38 -13.99
CA GLN A 82 -21.12 -25.59 -13.43
C GLN A 82 -20.07 -26.67 -13.19
N MET A 83 -18.99 -26.68 -13.98
CA MET A 83 -17.94 -27.67 -13.78
C MET A 83 -17.00 -27.30 -12.64
N THR A 84 -16.91 -26.00 -12.30
CA THR A 84 -16.06 -25.54 -11.21
C THR A 84 -16.84 -25.29 -9.92
N ASP A 85 -18.17 -25.36 -9.97
CA ASP A 85 -19.01 -25.12 -8.80
C ASP A 85 -19.15 -26.38 -7.95
N VAL A 86 -18.00 -26.84 -7.46
CA VAL A 86 -17.91 -28.04 -6.64
C VAL A 86 -17.38 -27.65 -5.27
N LEU A 87 -17.90 -28.28 -4.22
CA LEU A 87 -17.41 -28.03 -2.87
C LEU A 87 -15.95 -28.43 -2.78
N LEU A 88 -15.10 -27.45 -2.50
CA LEU A 88 -13.66 -27.65 -2.40
C LEU A 88 -13.20 -27.51 -0.96
N THR A 89 -11.91 -27.79 -0.73
CA THR A 89 -11.26 -27.65 0.57
C THR A 89 -10.36 -26.42 0.52
N PRO A 90 -10.87 -25.24 0.89
CA PRO A 90 -10.04 -24.02 0.77
C PRO A 90 -8.68 -24.19 1.43
N ALA A 91 -7.68 -23.52 0.86
CA ALA A 91 -6.31 -23.55 1.35
C ALA A 91 -5.67 -24.92 1.18
N THR A 92 -6.14 -25.68 0.20
CA THR A 92 -5.62 -27.01 -0.09
C THR A 92 -4.88 -26.97 -1.44
N ASP A 93 -3.90 -27.85 -1.57
CA ASP A 93 -3.10 -27.87 -2.79
C ASP A 93 -3.97 -28.23 -3.99
N ALA A 94 -3.56 -27.73 -5.16
CA ALA A 94 -4.30 -27.99 -6.38
C ALA A 94 -4.27 -29.48 -6.73
N LEU A 95 -3.08 -30.06 -6.78
CA LEU A 95 -2.96 -31.46 -7.16
C LEU A 95 -3.78 -32.37 -6.25
N LYS A 96 -3.93 -32.01 -4.98
CA LYS A 96 -4.64 -32.88 -4.05
C LYS A 96 -6.13 -32.90 -4.34
N ASN A 97 -6.72 -31.72 -4.58
CA ASN A 97 -8.15 -31.67 -4.88
C ASN A 97 -8.48 -32.48 -6.13
N ARG A 98 -7.63 -32.40 -7.16
CA ARG A 98 -7.90 -33.05 -8.44
C ARG A 98 -7.59 -34.54 -8.45
N SER A 99 -6.83 -35.03 -7.48
CA SER A 99 -6.56 -36.46 -7.36
C SER A 99 -7.57 -37.16 -6.48
N SER A 100 -8.24 -36.43 -5.58
CA SER A 100 -9.15 -37.03 -4.63
C SER A 100 -10.37 -37.60 -5.34
N VAL A 101 -10.67 -38.88 -5.05
CA VAL A 101 -11.88 -39.50 -5.59
C VAL A 101 -13.12 -38.73 -5.20
N GLU A 102 -13.08 -38.05 -4.05
CA GLU A 102 -14.23 -37.25 -3.64
C GLU A 102 -14.59 -36.21 -4.70
N VAL A 103 -13.61 -35.41 -5.11
CA VAL A 103 -13.88 -34.34 -6.06
C VAL A 103 -14.13 -34.91 -7.45
N ARG A 104 -13.34 -35.91 -7.86
CA ARG A 104 -13.51 -36.51 -9.18
C ARG A 104 -14.92 -37.03 -9.39
N MET A 105 -15.59 -37.44 -8.32
CA MET A 105 -16.96 -37.95 -8.46
C MET A 105 -17.95 -36.82 -8.72
N GLU A 106 -17.78 -35.68 -8.06
CA GLU A 106 -18.71 -34.58 -8.23
C GLU A 106 -18.57 -33.95 -9.61
N PHE A 107 -17.39 -33.99 -10.20
CA PHE A 107 -17.22 -33.50 -11.57
C PHE A 107 -18.17 -34.22 -12.52
N VAL A 108 -18.23 -35.56 -12.42
CA VAL A 108 -19.10 -36.33 -13.30
C VAL A 108 -20.55 -35.91 -13.14
N ARG A 109 -20.98 -35.64 -11.90
CA ARG A 109 -22.36 -35.26 -11.66
C ARG A 109 -22.63 -33.85 -12.19
N GLN A 110 -21.68 -32.92 -12.02
CA GLN A 110 -21.88 -31.57 -12.53
C GLN A 110 -21.94 -31.57 -14.05
N ALA A 111 -21.15 -32.42 -14.70
CA ALA A 111 -21.22 -32.52 -16.16
C ALA A 111 -22.54 -33.12 -16.61
N LEU A 112 -22.90 -34.28 -16.04
CA LEU A 112 -24.17 -34.90 -16.38
C LEU A 112 -25.33 -33.91 -16.21
N ALA A 113 -25.27 -33.09 -15.16
CA ALA A 113 -26.32 -32.10 -14.95
C ALA A 113 -26.27 -31.02 -16.02
N TYR A 114 -25.10 -30.78 -16.62
CA TYR A 114 -25.01 -29.84 -17.72
C TYR A 114 -25.48 -30.45 -19.02
N LEU A 115 -25.07 -31.70 -19.29
CA LEU A 115 -25.51 -32.36 -20.50
C LEU A 115 -27.02 -32.58 -20.49
N GLU A 116 -27.59 -32.84 -19.31
CA GLU A 116 -29.04 -33.03 -19.22
C GLU A 116 -29.79 -31.72 -19.42
N GLN A 117 -29.36 -30.66 -18.73
CA GLN A 117 -30.00 -29.37 -18.90
C GLN A 117 -29.76 -28.81 -20.29
N SER A 118 -28.53 -28.94 -20.79
CA SER A 118 -28.23 -28.49 -22.14
C SER A 118 -29.14 -29.17 -23.16
N TYR A 119 -29.30 -30.48 -23.03
CA TYR A 119 -30.20 -31.21 -23.92
C TYR A 119 -31.65 -30.74 -23.72
N LYS A 120 -32.02 -30.42 -22.48
CA LYS A 120 -33.38 -29.94 -22.22
C LYS A 120 -33.67 -28.65 -22.98
N ASN A 121 -32.66 -27.79 -23.13
CA ASN A 121 -32.85 -26.59 -23.94
C ASN A 121 -32.94 -26.93 -25.43
N TYR A 122 -32.20 -27.94 -25.88
CA TYR A 122 -32.34 -28.38 -27.26
C TYR A 122 -33.76 -28.88 -27.51
N THR A 123 -34.34 -29.56 -26.52
CA THR A 123 -35.70 -30.07 -26.69
C THR A 123 -36.72 -28.94 -26.71
N LEU A 124 -36.43 -27.83 -26.04
CA LEU A 124 -37.35 -26.69 -26.09
C LEU A 124 -37.31 -26.01 -27.45
N VAL A 125 -36.11 -25.62 -27.90
CA VAL A 125 -35.98 -24.95 -29.19
C VAL A 125 -36.42 -25.86 -30.32
N THR A 126 -36.48 -27.17 -30.09
CA THR A 126 -36.97 -28.08 -31.12
C THR A 126 -38.48 -28.01 -31.24
N VAL A 127 -39.17 -27.83 -30.12
CA VAL A 127 -40.63 -27.74 -30.12
C VAL A 127 -41.11 -26.32 -30.39
N PHE A 128 -40.59 -25.35 -29.65
CA PHE A 128 -40.81 -23.94 -29.90
C PHE A 128 -39.64 -23.35 -30.69
N GLY A 129 -39.95 -22.37 -31.55
CA GLY A 129 -38.91 -21.81 -32.38
C GLY A 129 -37.89 -20.98 -31.65
N ASN A 130 -38.25 -20.42 -30.49
CA ASN A 130 -37.36 -19.57 -29.74
C ASN A 130 -37.56 -19.82 -28.26
N LEU A 131 -36.46 -19.72 -27.49
CA LEU A 131 -36.58 -19.83 -26.04
C LEU A 131 -37.60 -18.85 -25.50
N HIS A 132 -37.60 -17.61 -26.00
CA HIS A 132 -38.60 -16.64 -25.59
C HIS A 132 -40.01 -17.16 -25.88
N GLN A 133 -40.21 -17.73 -27.07
CA GLN A 133 -41.51 -18.26 -27.46
C GLN A 133 -41.99 -19.33 -26.50
N ALA A 134 -41.09 -20.21 -26.08
CA ALA A 134 -41.47 -21.23 -25.10
C ALA A 134 -41.84 -20.61 -23.77
N GLN A 135 -41.09 -19.59 -23.35
CA GLN A 135 -41.30 -18.99 -22.03
C GLN A 135 -42.64 -18.28 -21.90
N LEU A 136 -43.05 -17.53 -22.92
CA LEU A 136 -44.30 -16.76 -22.81
C LEU A 136 -45.47 -17.71 -22.59
N GLY A 137 -45.53 -18.79 -23.35
CA GLY A 137 -46.59 -19.75 -23.12
C GLY A 137 -46.38 -20.57 -21.88
N GLY A 138 -45.16 -20.55 -21.34
CA GLY A 138 -44.85 -21.32 -20.16
C GLY A 138 -44.13 -22.60 -20.50
N VAL A 139 -42.98 -22.84 -19.87
CA VAL A 139 -42.27 -24.09 -20.09
C VAL A 139 -43.20 -25.21 -19.62
N PRO A 140 -43.58 -26.15 -20.47
CA PRO A 140 -44.45 -27.25 -20.01
C PRO A 140 -43.65 -28.23 -19.17
N GLY A 141 -44.37 -29.10 -18.47
CA GLY A 141 -43.72 -30.12 -17.68
C GLY A 141 -42.81 -30.97 -18.54
N THR A 142 -41.67 -31.38 -17.97
CA THR A 142 -40.72 -32.19 -18.71
C THR A 142 -41.40 -33.38 -19.38
N TYR A 143 -42.48 -33.90 -18.79
CA TYR A 143 -43.20 -35.00 -19.41
C TYR A 143 -43.90 -34.56 -20.68
N GLN A 144 -44.71 -33.48 -20.59
CA GLN A 144 -45.44 -33.01 -21.76
C GLN A 144 -44.51 -32.42 -22.80
N LEU A 145 -43.40 -31.82 -22.37
CA LEU A 145 -42.39 -31.37 -23.33
C LEU A 145 -41.84 -32.55 -24.12
N VAL A 146 -41.37 -33.57 -23.41
CA VAL A 146 -40.83 -34.75 -24.06
C VAL A 146 -41.85 -35.35 -25.02
N ARG A 147 -43.10 -35.45 -24.58
CA ARG A 147 -44.15 -35.96 -25.45
C ARG A 147 -44.29 -35.09 -26.69
N SER A 148 -44.34 -33.77 -26.50
CA SER A 148 -44.32 -32.84 -27.62
C SER A 148 -42.97 -32.79 -28.33
N PHE A 149 -41.96 -33.50 -27.80
CA PHE A 149 -40.71 -33.67 -28.53
C PHE A 149 -40.69 -34.93 -29.37
N LEU A 150 -41.38 -35.97 -28.90
CA LEU A 150 -41.43 -37.21 -29.66
C LEU A 150 -42.28 -37.05 -30.91
N ASN A 151 -43.30 -36.20 -30.83
CA ASN A 151 -44.17 -35.99 -31.97
C ASN A 151 -43.35 -35.64 -33.22
N ILE A 152 -42.38 -34.73 -33.05
CA ILE A 152 -41.56 -34.20 -34.15
C ILE A 152 -40.50 -35.20 -34.62
N LYS A 153 -39.68 -35.67 -33.67
CA LYS A 153 -38.47 -36.46 -34.01
C LYS A 153 -38.79 -37.90 -34.39
N LEU A 154 -40.03 -38.34 -34.17
CA LEU A 154 -40.52 -39.59 -34.72
C LEU A 154 -42.00 -39.37 -35.02
N PRO A 155 -42.33 -38.94 -36.24
CA PRO A 155 -43.74 -38.71 -36.57
C PRO A 155 -44.49 -40.01 -36.81
N ALA A 156 -43.85 -40.97 -37.48
CA ALA A 156 -44.44 -42.26 -37.74
C ALA A 156 -43.87 -43.32 -36.79
N PRO A 157 -44.64 -44.37 -36.49
CA PRO A 157 -44.18 -45.37 -35.53
C PRO A 157 -43.12 -46.28 -36.14
N LEU A 158 -42.03 -46.49 -35.41
CA LEU A 158 -41.01 -47.45 -35.84
C LEU A 158 -41.49 -48.86 -35.55
N PRO A 159 -41.35 -49.80 -36.49
CA PRO A 159 -41.96 -51.13 -36.30
C PRO A 159 -41.23 -52.00 -35.29
N GLY A 160 -40.07 -51.58 -34.80
CA GLY A 160 -39.27 -52.37 -33.89
C GLY A 160 -39.45 -52.03 -32.42
N LEU A 161 -40.40 -51.18 -32.08
CA LEU A 161 -40.62 -50.79 -30.69
C LEU A 161 -41.30 -51.92 -29.93
N GLN A 162 -41.19 -51.86 -28.60
CA GLN A 162 -41.69 -52.91 -27.75
C GLN A 162 -42.43 -52.29 -26.57
N ASP A 163 -43.15 -53.16 -25.84
CA ASP A 163 -43.84 -52.78 -24.61
C ASP A 163 -44.91 -51.73 -24.85
N GLY A 164 -45.45 -51.67 -26.07
CA GLY A 164 -46.57 -50.79 -26.33
C GLY A 164 -46.25 -49.32 -26.14
N GLU A 165 -47.32 -48.53 -26.06
CA GLU A 165 -47.26 -47.09 -25.97
C GLU A 165 -47.84 -46.62 -24.65
N VAL A 166 -47.73 -45.31 -24.40
CA VAL A 166 -48.31 -44.66 -23.25
C VAL A 166 -48.80 -43.29 -23.72
N GLU A 167 -50.12 -43.09 -23.71
CA GLU A 167 -50.70 -41.83 -24.18
C GLU A 167 -50.16 -41.45 -25.55
N GLY A 168 -50.02 -42.47 -26.42
CA GLY A 168 -49.71 -42.23 -27.81
C GLY A 168 -48.24 -42.22 -28.18
N HIS A 169 -47.35 -42.71 -27.31
CA HIS A 169 -45.93 -42.74 -27.60
C HIS A 169 -45.32 -43.99 -27.00
N PRO A 170 -44.26 -44.52 -27.61
CA PRO A 170 -43.63 -45.72 -27.06
C PRO A 170 -43.08 -45.46 -25.66
N VAL A 171 -43.33 -46.41 -24.76
CA VAL A 171 -43.00 -46.21 -23.35
C VAL A 171 -41.50 -46.02 -23.16
N TRP A 172 -40.68 -46.68 -23.98
CA TRP A 172 -39.23 -46.58 -23.79
C TRP A 172 -38.66 -45.27 -24.31
N ALA A 173 -39.25 -44.72 -25.37
CA ALA A 173 -38.82 -43.40 -25.84
C ALA A 173 -39.01 -42.35 -24.75
N LEU A 174 -40.18 -42.35 -24.13
CA LEU A 174 -40.46 -41.39 -23.06
C LEU A 174 -39.45 -41.53 -21.92
N ILE A 175 -39.15 -42.77 -21.52
CA ILE A 175 -38.24 -42.98 -20.41
C ILE A 175 -36.85 -42.45 -20.74
N TYR A 176 -36.39 -42.68 -21.97
CA TYR A 176 -35.03 -42.27 -22.34
C TYR A 176 -34.90 -40.75 -22.37
N TYR A 177 -35.72 -40.09 -23.17
CA TYR A 177 -35.59 -38.65 -23.30
C TYR A 177 -35.93 -37.91 -22.01
N CYS A 178 -36.73 -38.52 -21.13
CA CYS A 178 -36.92 -37.94 -19.81
C CYS A 178 -35.65 -38.05 -18.99
N MET A 179 -35.01 -39.22 -18.99
CA MET A 179 -33.73 -39.36 -18.30
C MET A 179 -32.67 -38.49 -18.95
N ARG A 180 -32.71 -38.35 -20.28
CA ARG A 180 -31.76 -37.51 -20.98
C ARG A 180 -31.90 -36.06 -20.55
N CYS A 181 -33.13 -35.58 -20.39
CA CYS A 181 -33.36 -34.23 -19.89
C CYS A 181 -33.04 -34.12 -18.41
N GLY A 182 -32.89 -35.24 -17.70
CA GLY A 182 -32.50 -35.23 -16.31
C GLY A 182 -33.62 -35.25 -15.31
N ASP A 183 -34.87 -35.43 -15.77
CA ASP A 183 -36.03 -35.46 -14.89
C ASP A 183 -36.41 -36.93 -14.69
N LEU A 184 -35.78 -37.56 -13.70
CA LEU A 184 -36.10 -38.95 -13.38
C LEU A 184 -37.54 -39.09 -12.92
N LEU A 185 -38.06 -38.09 -12.20
CA LEU A 185 -39.45 -38.14 -11.76
C LEU A 185 -40.40 -38.25 -12.95
N ALA A 186 -40.22 -37.39 -13.96
CA ALA A 186 -41.05 -37.47 -15.15
C ALA A 186 -40.97 -38.86 -15.78
N ALA A 187 -39.79 -39.47 -15.74
CA ALA A 187 -39.64 -40.82 -16.30
C ALA A 187 -40.37 -41.85 -15.44
N SER A 188 -40.29 -41.71 -14.12
CA SER A 188 -40.96 -42.67 -13.24
C SER A 188 -42.48 -42.58 -13.38
N GLN A 189 -43.01 -41.38 -13.60
CA GLN A 189 -44.44 -41.27 -13.86
C GLN A 189 -44.84 -42.11 -15.06
N VAL A 190 -44.01 -42.09 -16.11
CA VAL A 190 -44.29 -42.92 -17.29
C VAL A 190 -44.36 -44.38 -16.90
N VAL A 191 -43.45 -44.81 -16.03
CA VAL A 191 -43.41 -46.20 -15.59
C VAL A 191 -44.67 -46.56 -14.82
N ASN A 192 -45.17 -45.62 -14.00
CA ASN A 192 -46.34 -45.91 -13.18
C ASN A 192 -47.59 -46.17 -14.03
N ARG A 193 -47.66 -45.62 -15.23
CA ARG A 193 -48.82 -45.86 -16.08
C ARG A 193 -48.65 -47.07 -17.00
N ALA A 194 -47.55 -47.80 -16.89
CA ALA A 194 -47.31 -49.02 -17.66
C ALA A 194 -46.80 -50.13 -16.75
N GLN A 195 -47.34 -50.22 -15.53
CA GLN A 195 -46.87 -51.20 -14.56
C GLN A 195 -46.97 -52.62 -15.09
N HIS A 196 -48.08 -52.93 -15.77
CA HIS A 196 -48.33 -54.29 -16.23
C HIS A 196 -47.40 -54.65 -17.37
N GLN A 197 -47.15 -53.70 -18.28
CA GLN A 197 -46.36 -54.00 -19.47
C GLN A 197 -44.87 -54.15 -19.16
N LEU A 198 -44.33 -53.30 -18.30
CA LEU A 198 -42.88 -53.26 -18.09
C LEU A 198 -42.34 -54.40 -17.23
N GLY A 199 -43.21 -55.21 -16.64
CA GLY A 199 -42.73 -56.33 -15.84
C GLY A 199 -41.96 -55.86 -14.62
N GLU A 200 -40.86 -56.56 -14.33
CA GLU A 200 -40.09 -56.30 -13.12
C GLU A 200 -39.27 -55.02 -13.19
N PHE A 201 -39.25 -54.34 -14.34
CA PHE A 201 -38.46 -53.12 -14.46
C PHE A 201 -38.86 -52.06 -13.44
N LYS A 202 -40.09 -52.12 -12.92
CA LYS A 202 -40.56 -51.09 -12.00
C LYS A 202 -39.74 -51.08 -10.72
N THR A 203 -39.59 -52.25 -10.07
CA THR A 203 -38.87 -52.29 -8.80
C THR A 203 -37.41 -51.96 -8.99
N TRP A 204 -36.85 -52.23 -10.17
CA TRP A 204 -35.46 -51.89 -10.44
C TRP A 204 -35.30 -50.39 -10.63
N PHE A 205 -36.13 -49.79 -11.48
CA PHE A 205 -36.04 -48.35 -11.74
C PHE A 205 -36.29 -47.56 -10.46
N GLN A 206 -37.32 -47.92 -9.70
CA GLN A 206 -37.63 -47.22 -8.46
C GLN A 206 -36.45 -47.23 -7.50
N GLU A 207 -35.57 -48.24 -7.60
CA GLU A 207 -34.36 -48.26 -6.79
C GLU A 207 -33.31 -47.30 -7.34
N TYR A 208 -33.16 -47.27 -8.67
CA TYR A 208 -32.21 -46.35 -9.29
C TYR A 208 -32.53 -44.90 -8.92
N MET A 209 -33.80 -44.52 -8.97
CA MET A 209 -34.18 -43.15 -8.64
C MET A 209 -33.88 -42.84 -7.18
N ASN A 210 -33.97 -43.85 -6.31
CA ASN A 210 -33.73 -43.64 -4.88
C ASN A 210 -32.24 -43.58 -4.57
N SER A 211 -31.50 -44.61 -4.96
CA SER A 211 -30.06 -44.65 -4.69
C SER A 211 -29.35 -43.45 -5.30
N LYS A 212 -28.42 -42.89 -4.53
CA LYS A 212 -27.64 -41.76 -4.99
C LYS A 212 -26.54 -42.21 -5.95
N ASP A 213 -25.87 -41.24 -6.57
CA ASP A 213 -24.78 -41.48 -7.50
C ASP A 213 -25.22 -42.32 -8.70
N ARG A 214 -26.53 -42.36 -8.98
CA ARG A 214 -27.05 -43.04 -10.16
C ARG A 214 -26.52 -44.47 -10.26
N ARG A 215 -26.50 -45.17 -9.14
CA ARG A 215 -26.06 -46.56 -9.11
C ARG A 215 -27.01 -47.40 -8.27
N LEU A 216 -27.21 -48.64 -8.71
CA LEU A 216 -28.03 -49.61 -8.01
C LEU A 216 -27.19 -50.47 -7.07
N SER A 217 -27.86 -51.28 -6.27
CA SER A 217 -27.16 -52.18 -5.37
C SER A 217 -26.52 -53.31 -6.18
N PRO A 218 -25.35 -53.79 -5.76
CA PRO A 218 -24.70 -54.88 -6.52
C PRO A 218 -25.60 -56.07 -6.77
N ALA A 219 -26.44 -56.43 -5.80
CA ALA A 219 -27.32 -57.59 -5.96
C ALA A 219 -28.35 -57.33 -7.04
N THR A 220 -29.11 -56.25 -6.91
CA THR A 220 -30.13 -55.93 -7.91
C THR A 220 -29.48 -55.54 -9.24
N GLU A 221 -28.37 -54.80 -9.19
CA GLU A 221 -27.64 -54.47 -10.41
C GLU A 221 -27.25 -55.74 -11.16
N ASN A 222 -26.88 -56.78 -10.43
CA ASN A 222 -26.56 -58.06 -11.07
C ASN A 222 -27.79 -58.71 -11.68
N LYS A 223 -28.94 -58.61 -11.01
CA LYS A 223 -30.14 -59.27 -11.51
C LYS A 223 -30.56 -58.72 -12.87
N LEU A 224 -30.53 -57.40 -13.05
CA LEU A 224 -30.97 -56.82 -14.31
C LEU A 224 -29.95 -57.02 -15.41
N ARG A 225 -28.67 -56.83 -15.11
CA ARG A 225 -27.64 -56.97 -16.14
C ARG A 225 -27.68 -58.36 -16.75
N LEU A 226 -27.74 -59.40 -15.92
CA LEU A 226 -27.78 -60.75 -16.43
C LEU A 226 -29.03 -60.97 -17.27
N HIS A 227 -30.17 -60.38 -16.87
CA HIS A 227 -31.39 -60.51 -17.65
C HIS A 227 -31.24 -59.85 -19.02
N TYR A 228 -30.75 -58.61 -19.05
CA TYR A 228 -30.48 -57.95 -20.32
C TYR A 228 -29.51 -58.76 -21.17
N ARG A 229 -28.40 -59.18 -20.57
CA ARG A 229 -27.41 -59.96 -21.30
C ARG A 229 -27.96 -61.31 -21.73
N ARG A 230 -28.96 -61.83 -21.00
CA ARG A 230 -29.46 -63.17 -21.27
C ARG A 230 -30.07 -63.26 -22.66
N ALA A 231 -31.13 -62.47 -22.92
CA ALA A 231 -31.83 -62.57 -24.19
C ALA A 231 -32.18 -61.21 -24.78
N LEU A 232 -31.67 -60.12 -24.22
CA LEU A 232 -31.97 -58.77 -24.72
C LEU A 232 -30.72 -58.04 -25.19
N ARG A 233 -29.60 -58.75 -25.38
CA ARG A 233 -28.39 -58.11 -25.88
C ARG A 233 -28.65 -57.42 -27.21
N ASN A 234 -29.52 -57.99 -28.04
CA ASN A 234 -29.91 -57.43 -29.33
C ASN A 234 -31.43 -57.44 -29.38
N ASN A 235 -32.03 -56.33 -28.96
CA ASN A 235 -33.47 -56.14 -28.98
C ASN A 235 -33.83 -55.13 -30.07
N THR A 236 -35.00 -55.31 -30.67
CA THR A 236 -35.42 -54.44 -31.77
C THR A 236 -35.85 -53.06 -31.31
N ASP A 237 -35.89 -52.80 -30.00
CA ASP A 237 -36.24 -51.50 -29.45
C ASP A 237 -34.98 -50.81 -28.95
N PRO A 238 -34.38 -49.90 -29.72
CA PRO A 238 -33.12 -49.29 -29.25
C PRO A 238 -33.28 -48.52 -27.96
N TYR A 239 -34.40 -47.83 -27.77
CA TYR A 239 -34.62 -47.09 -26.53
C TYR A 239 -34.61 -48.02 -25.33
N LYS A 240 -35.14 -49.23 -25.47
CA LYS A 240 -35.09 -50.21 -24.40
C LYS A 240 -33.63 -50.56 -24.07
N ARG A 241 -32.84 -50.84 -25.10
CA ARG A 241 -31.42 -51.11 -24.90
C ARG A 241 -30.75 -49.98 -24.13
N ALA A 242 -30.97 -48.74 -24.58
CA ALA A 242 -30.29 -47.60 -23.99
C ALA A 242 -30.59 -47.49 -22.50
N VAL A 243 -31.88 -47.48 -22.14
CA VAL A 243 -32.26 -47.30 -20.74
C VAL A 243 -31.61 -48.37 -19.87
N TYR A 244 -31.64 -49.62 -20.32
CA TYR A 244 -31.19 -50.72 -19.47
C TYR A 244 -29.74 -50.56 -19.05
N CYS A 245 -28.85 -50.31 -20.01
CA CYS A 245 -27.44 -50.16 -19.70
C CYS A 245 -27.06 -48.75 -19.29
N ILE A 246 -28.00 -47.81 -19.33
CA ILE A 246 -27.81 -46.55 -18.61
C ILE A 246 -28.11 -46.76 -17.12
N ILE A 247 -29.08 -47.62 -16.81
CA ILE A 247 -29.40 -47.91 -15.43
C ILE A 247 -28.38 -48.86 -14.83
N GLY A 248 -27.93 -49.85 -15.60
CA GLY A 248 -26.97 -50.83 -15.17
C GLY A 248 -25.53 -50.53 -15.52
N ARG A 249 -25.26 -49.45 -16.23
CA ARG A 249 -23.90 -49.08 -16.63
C ARG A 249 -23.18 -50.27 -17.27
N CYS A 250 -23.83 -50.89 -18.23
CA CYS A 250 -23.30 -52.08 -18.91
C CYS A 250 -23.09 -51.78 -20.40
N ASP A 251 -22.52 -52.76 -21.09
CA ASP A 251 -22.28 -52.67 -22.52
C ASP A 251 -21.57 -51.36 -22.88
N VAL A 252 -20.50 -51.09 -22.15
CA VAL A 252 -19.80 -49.82 -22.31
C VAL A 252 -19.27 -49.64 -23.72
N THR A 253 -18.96 -50.75 -24.41
CA THR A 253 -18.42 -50.65 -25.76
C THR A 253 -19.51 -50.22 -26.75
N ASP A 254 -20.73 -50.71 -26.58
CA ASP A 254 -21.84 -50.33 -27.44
C ASP A 254 -22.22 -48.89 -27.16
N ASN A 255 -21.98 -48.01 -28.12
CA ASN A 255 -22.27 -46.59 -27.97
C ASN A 255 -23.75 -46.26 -28.17
N GLN A 256 -24.60 -47.27 -28.30
CA GLN A 256 -26.04 -47.06 -28.49
C GLN A 256 -26.30 -46.04 -29.59
N SER A 257 -25.51 -46.12 -30.67
CA SER A 257 -25.55 -45.10 -31.72
C SER A 257 -26.93 -44.89 -32.30
N GLU A 258 -27.87 -45.81 -32.05
CA GLU A 258 -29.22 -45.64 -32.58
C GLU A 258 -29.92 -44.45 -31.92
N VAL A 259 -29.67 -44.22 -30.64
CA VAL A 259 -30.31 -43.13 -29.92
C VAL A 259 -29.35 -41.99 -29.58
N ALA A 260 -28.06 -42.28 -29.35
CA ALA A 260 -27.07 -41.26 -29.03
C ALA A 260 -26.27 -40.95 -30.30
N ASP A 261 -26.86 -40.14 -31.17
CA ASP A 261 -26.21 -39.77 -32.42
C ASP A 261 -25.39 -38.48 -32.32
N LYS A 262 -25.68 -37.63 -31.35
CA LYS A 262 -24.91 -36.41 -31.16
C LYS A 262 -23.72 -36.67 -30.24
N THR A 263 -22.80 -35.71 -30.18
CA THR A 263 -21.62 -35.86 -29.33
C THR A 263 -21.98 -35.76 -27.87
N GLU A 264 -22.80 -34.76 -27.51
CA GLU A 264 -23.23 -34.63 -26.12
C GLU A 264 -24.00 -35.87 -25.66
N ASP A 265 -24.80 -36.45 -26.56
CA ASP A 265 -25.48 -37.70 -26.21
C ASP A 265 -24.50 -38.82 -25.92
N TYR A 266 -23.33 -38.79 -26.56
CA TYR A 266 -22.30 -39.79 -26.26
C TYR A 266 -21.67 -39.54 -24.90
N LEU A 267 -21.15 -38.32 -24.68
CA LEU A 267 -20.60 -37.97 -23.38
C LEU A 267 -21.57 -38.35 -22.27
N TRP A 268 -22.82 -37.89 -22.38
CA TRP A 268 -23.81 -38.18 -21.37
C TRP A 268 -24.04 -39.68 -21.24
N LEU A 269 -24.03 -40.39 -22.37
CA LEU A 269 -24.23 -41.85 -22.32
C LEU A 269 -23.11 -42.53 -21.54
N LYS A 270 -21.88 -42.03 -21.65
CA LYS A 270 -20.75 -42.69 -21.02
C LYS A 270 -20.60 -42.28 -19.56
N LEU A 271 -20.74 -40.98 -19.26
CA LEU A 271 -20.63 -40.54 -17.88
C LEU A 271 -21.68 -41.20 -17.00
N ASN A 272 -22.78 -41.68 -17.58
CA ASN A 272 -23.73 -42.53 -16.88
C ASN A 272 -23.29 -43.99 -16.87
N GLN A 273 -22.13 -44.31 -17.45
CA GLN A 273 -21.61 -45.68 -17.46
C GLN A 273 -20.27 -45.82 -16.75
N VAL A 274 -19.57 -44.72 -16.46
CA VAL A 274 -18.31 -44.82 -15.76
C VAL A 274 -18.54 -45.49 -14.39
N CYS A 275 -17.49 -46.11 -13.87
CA CYS A 275 -17.56 -46.81 -12.60
C CYS A 275 -16.34 -46.48 -11.76
N PHE A 276 -16.43 -46.83 -10.47
CA PHE A 276 -15.33 -46.71 -9.53
C PHE A 276 -15.19 -48.04 -8.79
N ASP A 277 -13.96 -48.45 -8.54
CA ASP A 277 -13.64 -49.73 -7.90
C ASP A 277 -14.75 -50.26 -6.99
N PRO A 284 -14.11 -56.37 -13.29
CA PRO A 284 -13.00 -56.02 -14.19
C PRO A 284 -13.40 -56.05 -15.66
N GLN A 285 -14.46 -56.78 -15.99
CA GLN A 285 -14.94 -56.89 -17.36
C GLN A 285 -16.18 -56.04 -17.56
N ASP A 286 -16.35 -55.51 -18.77
CA ASP A 286 -17.49 -54.66 -19.11
C ASP A 286 -17.58 -53.48 -18.14
N ARG A 287 -16.45 -52.87 -17.83
CA ARG A 287 -16.42 -51.76 -16.91
C ARG A 287 -15.47 -50.68 -17.40
N LEU A 288 -15.87 -49.42 -17.21
CA LEU A 288 -15.12 -48.26 -17.64
C LEU A 288 -15.03 -47.27 -16.50
N THR A 289 -13.86 -46.66 -16.33
CA THR A 289 -13.63 -45.66 -15.31
C THR A 289 -13.30 -44.32 -15.95
N LEU A 290 -13.43 -43.25 -15.17
CA LEU A 290 -13.17 -41.91 -15.69
C LEU A 290 -11.76 -41.80 -16.25
N SER A 291 -10.77 -42.38 -15.57
CA SER A 291 -9.40 -42.31 -16.05
C SER A 291 -9.27 -42.96 -17.43
N GLN A 292 -9.80 -44.18 -17.57
CA GLN A 292 -9.79 -44.84 -18.87
C GLN A 292 -10.56 -44.01 -19.91
N PHE A 293 -11.78 -43.61 -19.57
CA PHE A 293 -12.61 -42.86 -20.52
C PHE A 293 -11.94 -41.55 -20.93
N GLN A 294 -11.47 -40.77 -19.95
CA GLN A 294 -10.84 -39.49 -20.27
C GLN A 294 -9.58 -39.70 -21.12
N LYS A 295 -8.77 -40.70 -20.78
CA LYS A 295 -7.57 -40.97 -21.57
C LYS A 295 -7.94 -41.61 -22.90
N GLN A 296 -8.86 -42.59 -22.88
CA GLN A 296 -9.30 -43.26 -24.09
C GLN A 296 -9.79 -42.28 -25.14
N LEU A 297 -10.43 -41.19 -24.72
CA LEU A 297 -11.03 -40.27 -25.68
C LEU A 297 -9.97 -39.49 -26.45
N LEU A 298 -9.09 -38.78 -25.75
CA LEU A 298 -8.16 -37.90 -26.45
C LEU A 298 -6.96 -38.66 -26.99
N GLU A 299 -6.55 -39.76 -26.35
CA GLU A 299 -5.40 -40.49 -26.84
C GLU A 299 -5.72 -41.16 -28.17
N ASP A 300 -6.82 -41.91 -28.23
CA ASP A 300 -7.16 -42.63 -29.45
C ASP A 300 -7.85 -41.71 -30.44
N TYR A 301 -8.82 -40.93 -29.98
CA TYR A 301 -9.59 -40.01 -30.82
C TYR A 301 -9.23 -38.58 -30.44
N GLY A 302 -8.06 -38.13 -30.88
CA GLY A 302 -7.59 -36.81 -30.50
C GLY A 302 -8.35 -35.66 -31.16
N GLU A 303 -7.75 -34.48 -31.15
CA GLU A 303 -8.34 -33.32 -31.81
C GLU A 303 -8.81 -33.67 -33.21
N SER A 304 -7.96 -34.40 -33.95
CA SER A 304 -8.26 -34.74 -35.33
C SER A 304 -9.67 -35.28 -35.46
N HIS A 305 -10.07 -36.18 -34.56
CA HIS A 305 -11.39 -36.80 -34.68
C HIS A 305 -12.50 -35.78 -34.40
N PHE A 306 -12.30 -34.90 -33.42
CA PHE A 306 -13.34 -33.99 -32.97
C PHE A 306 -13.26 -32.61 -33.59
N THR A 307 -12.33 -32.35 -34.51
CA THR A 307 -12.23 -31.05 -35.15
C THR A 307 -12.29 -31.16 -36.67
N VAL A 308 -12.75 -32.28 -37.21
CA VAL A 308 -12.88 -32.43 -38.65
C VAL A 308 -13.98 -31.53 -39.18
N ASN A 309 -15.05 -31.32 -38.40
CA ASN A 309 -16.13 -30.42 -38.77
C ASN A 309 -15.77 -28.95 -38.54
N GLN A 310 -14.50 -28.63 -38.31
CA GLN A 310 -14.04 -27.27 -38.02
C GLN A 310 -14.97 -26.55 -37.05
N GLN A 311 -15.25 -27.22 -35.94
CA GLN A 311 -16.04 -26.66 -34.84
C GLN A 311 -15.23 -26.83 -33.55
N PRO A 312 -14.58 -25.77 -33.05
CA PRO A 312 -13.59 -25.99 -31.99
C PRO A 312 -14.21 -26.31 -30.64
N PHE A 313 -15.32 -25.65 -30.28
CA PHE A 313 -15.88 -25.85 -28.95
C PHE A 313 -16.30 -27.29 -28.71
N LEU A 314 -16.68 -28.01 -29.78
CA LEU A 314 -17.07 -29.40 -29.61
C LEU A 314 -16.00 -30.20 -28.87
N TYR A 315 -14.74 -30.04 -29.27
CA TYR A 315 -13.66 -30.75 -28.61
C TYR A 315 -13.44 -30.21 -27.20
N PHE A 316 -13.49 -28.88 -27.05
CA PHE A 316 -13.34 -28.26 -25.75
C PHE A 316 -14.33 -28.83 -24.74
N GLN A 317 -15.60 -28.90 -25.13
CA GLN A 317 -16.61 -29.48 -24.25
C GLN A 317 -16.29 -30.93 -23.91
N VAL A 318 -15.68 -31.67 -24.85
CA VAL A 318 -15.34 -33.05 -24.55
C VAL A 318 -14.28 -33.11 -23.48
N LEU A 319 -13.29 -32.22 -23.53
CA LEU A 319 -12.22 -32.25 -22.55
C LEU A 319 -12.66 -31.64 -21.23
N PHE A 320 -13.43 -30.56 -21.27
CA PHE A 320 -13.80 -29.87 -20.04
C PHE A 320 -14.80 -30.67 -19.22
N LEU A 321 -15.78 -31.29 -19.90
CA LEU A 321 -16.77 -32.12 -19.22
C LEU A 321 -16.23 -33.49 -18.85
N THR A 322 -14.94 -33.73 -19.03
CA THR A 322 -14.30 -34.96 -18.56
C THR A 322 -13.21 -34.68 -17.53
N ALA A 323 -13.14 -33.46 -17.00
CA ALA A 323 -12.21 -33.00 -15.97
C ALA A 323 -10.81 -32.78 -16.52
N GLN A 324 -10.61 -32.86 -17.83
CA GLN A 324 -9.29 -32.62 -18.44
C GLN A 324 -9.16 -31.14 -18.79
N PHE A 325 -9.03 -30.33 -17.74
CA PHE A 325 -9.10 -28.88 -17.91
C PHE A 325 -7.85 -28.34 -18.58
N GLU A 326 -6.69 -28.90 -18.27
CA GLU A 326 -5.44 -28.40 -18.85
C GLU A 326 -5.42 -28.64 -20.34
N ALA A 327 -5.78 -29.85 -20.77
CA ALA A 327 -5.87 -30.15 -22.20
C ALA A 327 -6.80 -29.16 -22.89
N ALA A 328 -8.03 -29.01 -22.38
CA ALA A 328 -8.98 -28.12 -23.02
C ALA A 328 -8.46 -26.69 -23.06
N VAL A 329 -7.71 -26.27 -22.04
CA VAL A 329 -7.22 -24.90 -22.00
C VAL A 329 -6.14 -24.69 -23.06
N ALA A 330 -5.12 -25.55 -23.08
CA ALA A 330 -4.08 -25.43 -24.09
C ALA A 330 -4.69 -25.52 -25.48
N PHE A 331 -5.49 -26.57 -25.73
CA PHE A 331 -6.16 -26.73 -27.01
C PHE A 331 -6.84 -25.44 -27.44
N LEU A 332 -7.79 -24.96 -26.62
CA LEU A 332 -8.52 -23.76 -26.98
C LEU A 332 -7.63 -22.53 -27.01
N PHE A 333 -6.48 -22.57 -26.36
CA PHE A 333 -5.58 -21.42 -26.39
C PHE A 333 -4.86 -21.29 -27.72
N ARG A 334 -4.84 -22.34 -28.53
CA ARG A 334 -4.16 -22.29 -29.82
C ARG A 334 -5.03 -21.67 -30.91
N MET A 335 -6.36 -21.78 -30.79
CA MET A 335 -7.25 -21.12 -31.74
C MET A 335 -7.06 -19.61 -31.62
N GLU A 336 -6.44 -19.00 -32.64
CA GLU A 336 -6.11 -17.58 -32.54
C GLU A 336 -7.34 -16.70 -32.34
N ARG A 337 -8.53 -17.21 -32.65
CA ARG A 337 -9.76 -16.45 -32.45
C ARG A 337 -10.30 -16.57 -31.04
N LEU A 338 -9.86 -17.59 -30.30
CA LEU A 338 -10.37 -17.89 -28.96
C LEU A 338 -9.27 -17.85 -27.91
N ARG A 339 -8.20 -17.09 -28.15
CA ARG A 339 -7.16 -16.96 -27.16
C ARG A 339 -7.72 -16.34 -25.88
N CYS A 340 -8.40 -15.20 -26.02
CA CYS A 340 -8.99 -14.53 -24.87
C CYS A 340 -9.72 -15.51 -23.98
N HIS A 341 -10.63 -16.29 -24.56
CA HIS A 341 -11.48 -17.19 -23.75
C HIS A 341 -10.67 -18.27 -23.05
N ALA A 342 -9.63 -18.79 -23.70
CA ALA A 342 -8.88 -19.88 -23.10
C ALA A 342 -7.98 -19.40 -21.97
N VAL A 343 -7.47 -18.17 -22.05
CA VAL A 343 -6.67 -17.63 -20.97
C VAL A 343 -7.51 -17.48 -19.72
N HIS A 344 -8.73 -16.96 -19.88
CA HIS A 344 -9.57 -16.67 -18.72
C HIS A 344 -10.07 -17.95 -18.06
N VAL A 345 -10.56 -18.90 -18.85
CA VAL A 345 -10.93 -20.19 -18.27
C VAL A 345 -9.74 -20.82 -17.57
N ALA A 346 -8.51 -20.42 -17.93
CA ALA A 346 -7.35 -20.84 -17.15
C ALA A 346 -7.26 -20.05 -15.85
N LEU A 347 -7.49 -18.74 -15.90
CA LEU A 347 -7.45 -17.94 -14.68
C LEU A 347 -8.48 -18.45 -13.68
N VAL A 348 -9.71 -18.68 -14.12
CA VAL A 348 -10.73 -19.20 -13.22
C VAL A 348 -10.23 -20.47 -12.53
N LEU A 349 -9.76 -21.43 -13.32
CA LEU A 349 -9.19 -22.64 -12.73
C LEU A 349 -7.97 -22.33 -11.85
N PHE A 350 -7.34 -21.18 -12.04
CA PHE A 350 -6.17 -20.82 -11.24
C PHE A 350 -6.54 -20.14 -9.93
N GLU A 351 -7.53 -19.26 -9.94
CA GLU A 351 -8.03 -18.64 -8.71
C GLU A 351 -8.98 -19.55 -7.94
N LEU A 352 -9.15 -20.79 -8.39
CA LEU A 352 -9.94 -21.78 -7.65
C LEU A 352 -9.09 -22.97 -7.22
N LYS A 353 -7.77 -22.86 -7.26
CA LYS A 353 -6.88 -23.95 -6.85
C LYS A 353 -7.24 -25.25 -7.56
N LEU A 354 -7.71 -25.15 -8.80
CA LEU A 354 -8.05 -26.32 -9.61
C LEU A 354 -7.10 -26.55 -10.78
N LEU A 355 -6.37 -25.52 -11.21
CA LEU A 355 -5.44 -25.66 -12.32
C LEU A 355 -4.13 -26.26 -11.83
N LEU A 356 -3.60 -27.21 -12.60
CA LEU A 356 -2.36 -27.90 -12.26
C LEU A 356 -1.22 -27.21 -12.98
N LYS A 357 -0.51 -26.33 -12.28
CA LYS A 357 0.58 -25.58 -12.88
C LYS A 357 1.81 -26.47 -13.03
N SER A 358 2.63 -26.14 -14.02
CA SER A 358 3.88 -26.86 -14.26
C SER A 358 5.00 -26.18 -13.46
N SER A 359 5.64 -26.95 -12.59
CA SER A 359 6.72 -26.40 -11.75
C SER A 359 7.78 -25.72 -12.62
N GLY A 360 8.39 -26.49 -13.52
CA GLY A 360 9.43 -25.94 -14.36
C GLY A 360 8.86 -24.99 -15.41
N GLN A 361 9.52 -23.85 -15.58
CA GLN A 361 9.14 -22.87 -16.58
C GLN A 361 9.78 -23.13 -17.94
N SER A 362 10.66 -24.12 -18.03
CA SER A 362 11.30 -24.48 -19.29
C SER A 362 10.54 -25.53 -20.08
N ALA A 363 9.42 -26.03 -19.56
CA ALA A 363 8.66 -27.07 -20.21
C ALA A 363 7.76 -26.50 -21.31
N GLN A 364 7.13 -27.40 -22.08
CA GLN A 364 6.17 -26.98 -23.08
C GLN A 364 4.86 -26.54 -22.44
N LEU A 365 3.98 -25.98 -23.27
CA LEU A 365 2.70 -25.48 -22.78
C LEU A 365 1.89 -26.58 -22.11
N LEU A 366 1.88 -27.78 -22.68
CA LEU A 366 1.14 -28.91 -22.14
C LEU A 366 2.10 -30.07 -21.96
N SER A 367 2.03 -30.73 -20.81
CA SER A 367 2.97 -31.80 -20.50
C SER A 367 2.43 -32.61 -19.32
N HIS A 368 3.04 -33.78 -19.12
CA HIS A 368 2.75 -34.65 -17.99
C HIS A 368 4.03 -34.82 -17.19
N GLU A 369 4.00 -34.35 -15.93
CA GLU A 369 5.16 -34.44 -15.05
C GLU A 369 5.66 -35.88 -15.01
N PRO A 370 6.97 -36.10 -14.88
CA PRO A 370 7.48 -37.49 -14.85
C PRO A 370 7.06 -38.25 -13.61
N GLY A 371 6.89 -37.57 -12.48
CA GLY A 371 6.53 -38.25 -11.24
C GLY A 371 5.07 -38.17 -10.90
N ASP A 372 4.23 -38.09 -11.93
CA ASP A 372 2.78 -38.02 -11.78
C ASP A 372 2.15 -39.14 -12.59
N PRO A 373 0.89 -39.48 -12.32
CA PRO A 373 0.22 -40.49 -13.13
C PRO A 373 0.08 -40.02 -14.55
N PRO A 374 0.04 -40.95 -15.53
CA PRO A 374 -0.04 -40.52 -16.93
C PRO A 374 -1.39 -39.92 -17.32
N CYS A 375 -2.45 -40.16 -16.54
CA CYS A 375 -3.78 -39.74 -16.96
C CYS A 375 -4.07 -38.27 -16.68
N LEU A 376 -3.20 -37.57 -15.96
CA LEU A 376 -3.36 -36.15 -15.71
C LEU A 376 -2.27 -35.38 -16.47
N ARG A 377 -2.59 -34.14 -16.83
CA ARG A 377 -1.66 -33.29 -17.57
C ARG A 377 -1.52 -31.96 -16.83
N ARG A 378 -0.46 -31.23 -17.19
CA ARG A 378 -0.09 -29.99 -16.51
C ARG A 378 0.07 -28.87 -17.53
N LEU A 379 -0.31 -27.66 -17.11
CA LEU A 379 -0.28 -26.47 -17.95
C LEU A 379 0.81 -25.55 -17.47
N ASN A 380 1.69 -25.12 -18.38
CA ASN A 380 2.74 -24.15 -18.05
C ASN A 380 2.08 -22.77 -18.01
N PHE A 381 1.44 -22.49 -16.87
CA PHE A 381 0.65 -21.28 -16.72
C PHE A 381 1.49 -20.02 -16.94
N VAL A 382 2.76 -20.05 -16.50
CA VAL A 382 3.59 -18.86 -16.65
C VAL A 382 3.74 -18.52 -18.13
N ARG A 383 4.08 -19.52 -18.95
CA ARG A 383 4.21 -19.28 -20.38
C ARG A 383 2.88 -18.81 -20.96
N LEU A 384 1.78 -19.48 -20.58
CA LEU A 384 0.46 -19.12 -21.09
C LEU A 384 0.21 -17.62 -21.02
N LEU A 385 0.35 -17.03 -19.83
CA LEU A 385 0.13 -15.59 -19.73
C LEU A 385 1.18 -14.81 -20.49
N MET A 386 2.43 -15.28 -20.49
CA MET A 386 3.50 -14.55 -21.15
C MET A 386 3.21 -14.38 -22.65
N LEU A 387 2.61 -15.39 -23.28
CA LEU A 387 2.27 -15.27 -24.69
C LEU A 387 1.14 -14.26 -24.88
N TYR A 388 0.05 -14.44 -24.16
CA TYR A 388 -1.10 -13.55 -24.29
C TYR A 388 -0.69 -12.08 -24.11
N THR A 389 0.24 -11.84 -23.18
CA THR A 389 0.59 -10.47 -22.84
C THR A 389 1.39 -9.81 -23.95
N ARG A 390 2.33 -10.53 -24.56
CA ARG A 390 3.22 -9.91 -25.54
C ARG A 390 2.44 -9.20 -26.63
N LYS A 391 1.25 -9.70 -26.96
CA LYS A 391 0.43 -9.08 -27.99
C LYS A 391 0.10 -7.62 -27.65
N PHE A 392 -0.50 -7.39 -26.48
CA PHE A 392 -0.98 -6.05 -26.14
C PHE A 392 -0.15 -5.35 -25.07
N GLU A 393 1.02 -5.88 -24.75
CA GLU A 393 1.92 -5.25 -23.79
C GLU A 393 2.64 -4.02 -24.36
N SER A 394 2.72 -3.89 -25.69
CA SER A 394 3.50 -2.81 -26.30
C SER A 394 2.81 -1.45 -26.16
N THR A 395 1.50 -1.35 -26.50
CA THR A 395 0.79 -0.06 -26.49
C THR A 395 -0.37 -0.01 -25.49
N ASP A 396 -0.56 -1.06 -24.71
CA ASP A 396 -1.61 -1.14 -23.69
C ASP A 396 -1.00 -1.64 -22.38
N PRO A 397 -0.08 -0.87 -21.79
CA PRO A 397 0.63 -1.41 -20.62
C PRO A 397 -0.29 -1.66 -19.42
N ARG A 398 -1.19 -0.70 -19.17
CA ARG A 398 -2.06 -0.76 -17.99
C ARG A 398 -2.74 -2.12 -17.91
N GLU A 399 -3.31 -2.56 -19.04
CA GLU A 399 -4.03 -3.83 -19.07
C GLU A 399 -3.08 -5.00 -18.86
N ALA A 400 -1.87 -4.90 -19.38
CA ALA A 400 -0.88 -5.97 -19.22
C ALA A 400 -0.62 -6.23 -17.74
N LEU A 401 -0.39 -5.17 -16.98
CA LEU A 401 -0.10 -5.32 -15.56
C LEU A 401 -1.21 -6.11 -14.85
N GLN A 402 -2.46 -5.82 -15.20
CA GLN A 402 -3.58 -6.53 -14.57
C GLN A 402 -3.44 -8.04 -14.73
N TYR A 403 -2.90 -8.48 -15.86
CA TYR A 403 -2.70 -9.91 -16.08
C TYR A 403 -1.41 -10.41 -15.44
N PHE A 404 -0.37 -9.56 -15.40
CA PHE A 404 0.87 -9.95 -14.73
C PHE A 404 0.66 -10.19 -13.25
N TYR A 405 -0.38 -9.60 -12.65
CA TYR A 405 -0.55 -9.72 -11.20
C TYR A 405 -0.73 -11.18 -10.79
N PHE A 406 -1.45 -11.96 -11.59
CA PHE A 406 -1.68 -13.37 -11.26
C PHE A 406 -0.37 -14.14 -11.11
N LEU A 407 0.73 -13.61 -11.63
CA LEU A 407 2.04 -14.24 -11.46
C LEU A 407 2.74 -13.77 -10.19
N ARG A 408 2.07 -12.97 -9.36
CA ARG A 408 2.69 -12.48 -8.14
C ARG A 408 3.15 -13.61 -7.22
N ASP A 409 2.42 -14.73 -7.21
CA ASP A 409 2.70 -15.82 -6.30
C ASP A 409 3.83 -16.73 -6.77
N GLU A 410 4.40 -16.48 -7.95
CA GLU A 410 5.44 -17.33 -8.50
C GLU A 410 6.76 -16.58 -8.61
N LYS A 411 7.84 -17.34 -8.54
CA LYS A 411 9.20 -16.84 -8.75
C LYS A 411 9.87 -17.65 -9.86
N ASP A 412 11.10 -17.28 -10.19
CA ASP A 412 11.89 -17.96 -11.21
C ASP A 412 13.12 -18.60 -10.56
N SER A 413 13.98 -19.17 -11.40
CA SER A 413 15.16 -19.86 -10.90
C SER A 413 16.10 -18.92 -10.18
N GLN A 414 16.08 -17.63 -10.52
CA GLN A 414 16.99 -16.66 -9.92
C GLN A 414 16.42 -15.97 -8.68
N GLY A 415 15.16 -16.22 -8.34
CA GLY A 415 14.56 -15.71 -7.13
C GLY A 415 13.68 -14.49 -7.33
N GLU A 416 13.81 -13.78 -8.43
CA GLU A 416 13.00 -12.59 -8.66
C GLU A 416 11.51 -12.94 -8.59
N ASN A 417 10.72 -11.97 -8.12
CA ASN A 417 9.27 -12.12 -8.09
C ASN A 417 8.72 -11.93 -9.51
N MET A 418 7.96 -12.93 -9.98
CA MET A 418 7.58 -12.94 -11.39
C MET A 418 6.84 -11.67 -11.79
N PHE A 419 5.93 -11.19 -10.93
CA PHE A 419 5.24 -9.95 -11.26
C PHE A 419 6.21 -8.78 -11.35
N LEU A 420 7.12 -8.67 -10.40
CA LEU A 420 8.10 -7.58 -10.43
C LEU A 420 8.96 -7.65 -11.68
N ARG A 421 9.43 -8.85 -12.04
CA ARG A 421 10.26 -9.00 -13.23
C ARG A 421 9.47 -8.61 -14.47
N CYS A 422 8.20 -9.03 -14.56
CA CYS A 422 7.38 -8.69 -15.72
C CYS A 422 7.18 -7.18 -15.83
N VAL A 423 7.17 -6.47 -14.71
CA VAL A 423 7.06 -5.02 -14.78
C VAL A 423 8.38 -4.40 -15.21
N SER A 424 9.51 -5.00 -14.82
CA SER A 424 10.80 -4.51 -15.29
C SER A 424 10.91 -4.64 -16.79
N GLU A 425 10.69 -5.85 -17.31
CA GLU A 425 10.78 -6.07 -18.75
C GLU A 425 9.81 -5.17 -19.51
N LEU A 426 8.61 -4.97 -18.96
CA LEU A 426 7.61 -4.15 -19.64
C LEU A 426 7.99 -2.68 -19.64
N VAL A 427 8.80 -2.24 -18.66
CA VAL A 427 9.22 -0.85 -18.63
C VAL A 427 10.45 -0.65 -19.51
N ILE A 428 11.37 -1.62 -19.50
CA ILE A 428 12.54 -1.54 -20.36
C ILE A 428 12.11 -1.44 -21.82
N GLU A 429 11.11 -2.24 -22.21
CA GLU A 429 10.66 -2.25 -23.59
C GLU A 429 9.77 -1.05 -23.91
N SER A 430 8.72 -0.84 -23.12
CA SER A 430 7.74 0.20 -23.45
C SER A 430 8.28 1.60 -23.20
N ARG A 431 9.26 1.75 -22.31
CA ARG A 431 9.80 3.06 -21.97
C ARG A 431 8.72 4.02 -21.49
N GLU A 432 7.71 3.48 -20.80
CA GLU A 432 6.60 4.28 -20.26
C GLU A 432 6.87 4.50 -18.78
N PHE A 433 7.75 5.46 -18.50
CA PHE A 433 8.19 5.69 -17.13
C PHE A 433 7.17 6.51 -16.34
N ASP A 434 6.77 7.66 -16.88
CA ASP A 434 5.81 8.50 -16.18
C ASP A 434 4.50 7.75 -15.91
N MET A 435 4.03 6.97 -16.89
CA MET A 435 2.74 6.29 -16.74
C MET A 435 2.83 5.15 -15.73
N ILE A 436 3.84 4.30 -15.86
CA ILE A 436 3.89 3.08 -15.05
C ILE A 436 4.61 3.26 -13.72
N LEU A 437 5.62 4.11 -13.67
CA LEU A 437 6.43 4.23 -12.47
C LEU A 437 6.12 5.47 -11.64
N GLY A 438 5.43 6.46 -12.22
CA GLY A 438 5.12 7.67 -11.51
C GLY A 438 6.17 8.72 -11.80
N LYS A 439 5.75 9.87 -12.34
CA LYS A 439 6.69 10.91 -12.73
C LYS A 439 7.08 11.73 -11.52
N LEU A 440 8.39 11.82 -11.26
CA LEU A 440 8.91 12.68 -10.21
C LEU A 440 9.27 14.02 -10.83
N GLU A 441 8.38 15.00 -10.69
CA GLU A 441 8.60 16.31 -11.27
C GLU A 441 9.84 16.96 -10.64
N ASN A 442 10.25 18.08 -11.23
CA ASN A 442 11.40 18.84 -10.74
C ASN A 442 11.04 19.76 -9.59
N ASP A 443 9.86 19.62 -9.00
CA ASP A 443 9.46 20.40 -7.84
C ASP A 443 9.52 19.61 -6.55
N GLY A 444 9.80 18.31 -6.61
CA GLY A 444 9.86 17.48 -5.43
C GLY A 444 8.66 16.56 -5.22
N SER A 445 7.76 16.47 -6.18
CA SER A 445 6.59 15.61 -6.07
C SER A 445 6.84 14.27 -6.75
N ARG A 446 6.11 13.25 -6.28
CA ARG A 446 6.16 11.91 -6.85
C ARG A 446 4.71 11.46 -7.10
N LYS A 447 4.18 11.80 -8.26
CA LYS A 447 2.84 11.33 -8.63
C LYS A 447 2.87 9.83 -8.86
N PRO A 448 2.14 9.03 -8.07
CA PRO A 448 2.30 7.58 -8.16
C PRO A 448 1.96 7.04 -9.54
N GLY A 449 2.52 5.87 -9.85
CA GLY A 449 2.30 5.22 -11.11
C GLY A 449 1.32 4.06 -10.99
N VAL A 450 1.14 3.36 -12.10
CA VAL A 450 0.14 2.30 -12.15
C VAL A 450 0.57 1.11 -11.30
N ILE A 451 1.87 0.88 -11.14
CA ILE A 451 2.32 -0.24 -10.33
C ILE A 451 2.13 0.04 -8.85
N ASP A 452 2.09 1.32 -8.46
CA ASP A 452 1.91 1.66 -7.05
C ASP A 452 0.66 1.00 -6.48
N LYS A 453 -0.33 0.72 -7.33
CA LYS A 453 -1.55 0.07 -6.85
C LYS A 453 -1.27 -1.32 -6.31
N PHE A 454 -0.32 -2.04 -6.92
CA PHE A 454 -0.15 -3.46 -6.63
C PHE A 454 0.85 -3.74 -5.52
N THR A 455 1.88 -2.91 -5.38
CA THR A 455 2.82 -3.06 -4.28
C THR A 455 3.34 -1.68 -3.89
N SER A 456 3.52 -1.47 -2.59
CA SER A 456 4.05 -0.21 -2.08
C SER A 456 5.58 -0.19 -2.05
N ASP A 457 6.23 -1.34 -2.15
CA ASP A 457 7.68 -1.42 -2.18
C ASP A 457 8.15 -1.36 -3.63
N THR A 458 8.30 -0.14 -4.14
CA THR A 458 8.71 0.10 -5.52
C THR A 458 10.18 0.50 -5.62
N LYS A 459 10.97 0.24 -4.59
CA LYS A 459 12.38 0.61 -4.60
C LYS A 459 13.21 -0.32 -5.48
N PRO A 460 12.90 -1.63 -5.57
CA PRO A 460 13.81 -2.52 -6.31
C PRO A 460 13.68 -2.34 -7.81
N ILE A 461 12.45 -2.39 -8.33
CA ILE A 461 12.29 -2.34 -9.78
C ILE A 461 12.77 -1.00 -10.33
N ILE A 462 12.49 0.09 -9.62
CA ILE A 462 12.98 1.38 -10.09
C ILE A 462 14.49 1.36 -10.20
N ASN A 463 15.16 0.59 -9.34
CA ASN A 463 16.59 0.39 -9.50
C ASN A 463 16.90 -0.61 -10.60
N LYS A 464 16.09 -1.66 -10.73
CA LYS A 464 16.25 -2.59 -11.84
C LYS A 464 16.18 -1.87 -13.18
N VAL A 465 15.09 -1.13 -13.40
CA VAL A 465 14.96 -0.36 -14.63
C VAL A 465 16.07 0.68 -14.72
N ALA A 466 16.37 1.37 -13.61
CA ALA A 466 17.47 2.31 -13.61
C ALA A 466 18.80 1.61 -13.84
N SER A 467 18.92 0.35 -13.39
CA SER A 467 20.19 -0.35 -13.48
C SER A 467 20.54 -0.69 -14.93
N VAL A 468 19.58 -1.22 -15.69
CA VAL A 468 19.86 -1.55 -17.08
C VAL A 468 20.15 -0.29 -17.88
N ALA A 469 19.25 0.70 -17.81
CA ALA A 469 19.46 1.95 -18.52
C ALA A 469 20.81 2.57 -18.18
N GLU A 470 21.32 2.30 -16.97
CA GLU A 470 22.68 2.71 -16.63
C GLU A 470 23.70 1.89 -17.40
N ASN A 471 23.46 0.57 -17.52
CA ASN A 471 24.34 -0.32 -18.26
C ASN A 471 24.30 -0.05 -19.76
N LYS A 472 23.31 0.70 -20.26
CA LYS A 472 23.23 1.05 -21.67
C LYS A 472 23.62 2.51 -21.90
N GLY A 473 24.53 3.04 -21.08
CA GLY A 473 25.07 4.37 -21.28
C GLY A 473 24.04 5.49 -21.30
N LEU A 474 22.80 5.18 -20.91
CA LEU A 474 21.74 6.18 -20.84
C LEU A 474 21.74 6.85 -19.46
N PHE A 475 22.84 7.56 -19.19
CA PHE A 475 23.04 8.15 -17.88
C PHE A 475 21.96 9.19 -17.55
N GLU A 476 21.64 10.06 -18.50
CA GLU A 476 20.65 11.10 -18.24
C GLU A 476 19.32 10.50 -17.82
N GLU A 477 18.97 9.32 -18.34
CA GLU A 477 17.76 8.65 -17.89
C GLU A 477 17.98 7.92 -16.56
N ALA A 478 19.06 7.15 -16.47
CA ALA A 478 19.34 6.44 -15.22
C ALA A 478 19.36 7.40 -14.04
N ALA A 479 19.77 8.65 -14.25
CA ALA A 479 19.73 9.63 -13.17
C ALA A 479 18.30 9.98 -12.80
N LYS A 480 17.46 10.29 -13.79
CA LYS A 480 16.06 10.57 -13.51
C LYS A 480 15.39 9.39 -12.83
N LEU A 481 15.71 8.17 -13.24
CA LEU A 481 15.11 6.99 -12.62
C LEU A 481 15.63 6.77 -11.21
N TYR A 482 16.95 6.76 -11.04
CA TYR A 482 17.51 6.64 -9.71
C TYR A 482 17.02 7.75 -8.79
N ASP A 483 16.89 8.97 -9.34
CA ASP A 483 16.37 10.08 -8.56
C ASP A 483 14.91 9.87 -8.20
N LEU A 484 14.18 9.11 -9.02
CA LEU A 484 12.79 8.80 -8.70
C LEU A 484 12.69 7.93 -7.46
N ALA A 485 13.65 7.03 -7.25
CA ALA A 485 13.71 6.19 -6.06
C ALA A 485 14.54 6.81 -4.94
N LYS A 486 14.88 8.09 -5.04
CA LYS A 486 15.67 8.77 -4.02
C LYS A 486 16.90 7.96 -3.65
N ASN A 487 17.64 7.53 -4.68
CA ASN A 487 18.92 6.85 -4.52
C ASN A 487 20.00 7.84 -4.93
N ALA A 488 20.39 8.71 -3.99
CA ALA A 488 21.32 9.78 -4.31
C ALA A 488 22.73 9.26 -4.55
N ASP A 489 23.08 8.11 -3.98
CA ASP A 489 24.40 7.54 -4.24
C ASP A 489 24.62 7.37 -5.73
N LYS A 490 23.61 6.91 -6.46
CA LYS A 490 23.72 6.71 -7.89
C LYS A 490 23.41 7.97 -8.69
N VAL A 491 22.41 8.74 -8.26
CA VAL A 491 22.09 9.98 -8.97
C VAL A 491 23.32 10.86 -9.07
N LEU A 492 23.96 11.14 -7.93
CA LEU A 492 25.11 12.05 -7.95
C LEU A 492 26.30 11.43 -8.68
N GLU A 493 26.49 10.12 -8.54
CA GLU A 493 27.54 9.44 -9.29
C GLU A 493 27.39 9.73 -10.79
N LEU A 494 26.24 9.38 -11.36
CA LEU A 494 26.01 9.61 -12.78
C LEU A 494 26.08 11.10 -13.10
N MET A 495 25.52 11.95 -12.22
CA MET A 495 25.56 13.38 -12.48
C MET A 495 26.99 13.91 -12.49
N ASN A 496 27.91 13.23 -11.80
CA ASN A 496 29.32 13.62 -11.88
C ASN A 496 29.87 13.33 -13.28
N LYS A 497 29.49 12.19 -13.86
CA LYS A 497 29.99 11.83 -15.17
C LYS A 497 29.44 12.76 -16.25
N LEU A 498 28.16 13.11 -16.15
CA LEU A 498 27.57 13.96 -17.19
C LEU A 498 28.06 15.39 -17.12
N LEU A 499 28.62 15.82 -15.98
CA LEU A 499 29.02 17.22 -15.83
C LEU A 499 30.48 17.44 -16.23
N SER A 500 31.38 16.57 -15.78
CA SER A 500 32.81 16.76 -16.03
C SER A 500 33.12 17.08 -17.50
N PRO A 501 32.59 16.35 -18.48
CA PRO A 501 32.87 16.73 -19.88
C PRO A 501 32.43 18.13 -20.24
N VAL A 502 31.39 18.65 -19.59
CA VAL A 502 30.77 19.91 -19.98
C VAL A 502 31.17 21.06 -19.07
N VAL A 503 32.09 20.84 -18.14
CA VAL A 503 32.48 21.87 -17.19
C VAL A 503 33.04 23.09 -17.91
N PRO A 504 34.07 22.94 -18.77
CA PRO A 504 34.64 24.13 -19.41
C PRO A 504 33.88 24.61 -20.64
N GLN A 505 32.91 23.84 -21.13
CA GLN A 505 32.21 24.16 -22.35
C GLN A 505 31.44 25.48 -22.21
N ILE A 506 30.99 25.99 -23.34
CA ILE A 506 30.21 27.22 -23.38
C ILE A 506 28.73 26.87 -23.18
N SER A 507 28.12 27.44 -22.14
CA SER A 507 26.71 27.23 -21.85
C SER A 507 25.90 28.17 -22.75
N ALA A 508 25.25 27.59 -23.77
CA ALA A 508 24.47 28.35 -24.73
C ALA A 508 23.03 27.84 -24.77
N PRO A 509 22.07 28.68 -25.16
CA PRO A 509 20.67 28.25 -25.14
C PRO A 509 20.47 26.88 -25.78
N GLN A 510 19.71 26.04 -25.10
CA GLN A 510 19.35 24.70 -25.55
C GLN A 510 20.55 23.77 -25.73
N SER A 511 21.73 24.16 -25.26
CA SER A 511 22.89 23.31 -25.42
C SER A 511 22.76 22.09 -24.52
N ASN A 512 23.73 21.17 -24.64
CA ASN A 512 23.78 20.05 -23.72
C ASN A 512 24.29 20.46 -22.34
N LYS A 513 24.92 21.64 -22.23
CA LYS A 513 25.34 22.13 -20.93
C LYS A 513 24.14 22.64 -20.14
N GLU A 514 23.37 23.55 -20.73
CA GLU A 514 22.17 24.06 -20.08
C GLU A 514 21.25 22.90 -19.67
N ARG A 515 20.99 21.98 -20.60
CA ARG A 515 20.05 20.90 -20.31
C ARG A 515 20.56 19.98 -19.21
N LEU A 516 21.87 19.94 -18.96
CA LEU A 516 22.42 19.15 -17.86
C LEU A 516 22.65 20.00 -16.61
N LYS A 517 23.17 21.22 -16.76
CA LYS A 517 23.32 22.09 -15.61
C LYS A 517 21.98 22.34 -14.93
N ASN A 518 20.95 22.66 -15.73
CA ASN A 518 19.66 23.01 -15.15
C ASN A 518 19.03 21.83 -14.43
N MET A 519 19.29 20.59 -14.88
CA MET A 519 18.79 19.46 -14.12
C MET A 519 19.61 19.21 -12.88
N ALA A 520 20.92 19.48 -12.95
CA ALA A 520 21.77 19.31 -11.77
C ALA A 520 21.38 20.30 -10.68
N LEU A 521 21.06 21.53 -11.06
CA LEU A 521 20.64 22.51 -10.06
C LEU A 521 19.27 22.16 -9.49
N SER A 522 18.36 21.67 -10.34
CA SER A 522 17.08 21.19 -9.85
C SER A 522 17.25 19.99 -8.94
N ILE A 523 18.38 19.29 -9.04
CA ILE A 523 18.70 18.23 -8.09
C ILE A 523 19.47 18.74 -6.88
N ALA A 524 20.14 19.90 -7.00
CA ALA A 524 20.84 20.46 -5.85
C ALA A 524 19.84 21.05 -4.85
N GLU A 525 18.87 21.82 -5.36
CA GLU A 525 17.85 22.38 -4.47
C GLU A 525 17.08 21.26 -3.77
N ARG A 526 16.47 20.37 -4.54
CA ARG A 526 15.68 19.30 -3.97
C ARG A 526 16.49 18.39 -3.05
N TYR A 527 17.81 18.38 -3.19
CA TYR A 527 18.64 17.60 -2.29
C TYR A 527 19.08 18.38 -1.05
N ARG A 528 19.03 19.72 -1.10
CA ARG A 528 19.27 20.53 0.09
C ARG A 528 17.99 20.81 0.86
N ALA A 529 16.92 21.20 0.16
CA ALA A 529 15.65 21.43 0.83
C ALA A 529 15.16 20.19 1.56
N GLN A 530 15.49 19.01 1.05
CA GLN A 530 15.12 17.75 1.68
C GLN A 530 16.27 17.13 2.47
N GLY A 531 17.41 17.83 2.57
CA GLY A 531 18.54 17.33 3.32
C GLY A 531 18.96 15.94 2.93
N ILE A 532 19.19 15.72 1.64
CA ILE A 532 19.64 14.43 1.12
C ILE A 532 21.07 14.58 0.63
N SER A 533 21.83 13.50 0.76
CA SER A 533 23.23 13.54 0.33
C SER A 533 23.77 12.13 0.24
N ALA A 534 24.65 11.91 -0.73
CA ALA A 534 25.38 10.65 -0.86
C ALA A 534 26.64 10.73 0.00
N ASN A 535 27.48 9.69 -0.04
CA ASN A 535 28.73 9.74 0.69
C ASN A 535 29.51 10.98 0.26
N LYS A 536 30.34 11.49 1.17
CA LYS A 536 30.97 12.79 0.93
C LYS A 536 31.82 12.79 -0.33
N PHE A 537 32.40 11.65 -0.69
CA PHE A 537 33.20 11.59 -1.92
C PHE A 537 32.34 11.94 -3.13
N VAL A 538 31.27 11.18 -3.34
CA VAL A 538 30.38 11.45 -4.47
C VAL A 538 29.74 12.83 -4.31
N ASP A 539 29.36 13.19 -3.09
CA ASP A 539 28.62 14.43 -2.87
C ASP A 539 29.54 15.64 -3.01
N SER A 540 30.72 15.58 -2.39
CA SER A 540 31.66 16.69 -2.48
C SER A 540 31.97 17.03 -3.94
N THR A 541 32.24 16.00 -4.74
CA THR A 541 32.55 16.23 -6.15
C THR A 541 31.36 16.86 -6.87
N PHE A 542 30.14 16.45 -6.52
CA PHE A 542 28.96 16.92 -7.23
C PHE A 542 28.76 18.42 -7.04
N TYR A 543 28.84 18.89 -5.79
CA TYR A 543 28.69 20.32 -5.55
C TYR A 543 29.92 21.09 -5.98
N LEU A 544 31.09 20.42 -6.06
CA LEU A 544 32.29 21.08 -6.53
C LEU A 544 32.20 21.38 -8.02
N LEU A 545 31.74 20.41 -8.81
CA LEU A 545 31.53 20.64 -10.23
C LEU A 545 30.55 21.77 -10.48
N LEU A 546 29.47 21.80 -9.70
CA LEU A 546 28.46 22.85 -9.85
C LEU A 546 29.09 24.23 -9.64
N ASP A 547 30.02 24.34 -8.70
CA ASP A 547 30.72 25.59 -8.50
C ASP A 547 31.61 25.91 -9.70
N LEU A 548 32.35 24.90 -10.19
CA LEU A 548 33.19 25.12 -11.37
C LEU A 548 32.35 25.51 -12.58
N ILE A 549 31.23 24.82 -12.81
CA ILE A 549 30.35 25.19 -13.91
C ILE A 549 29.98 26.66 -13.80
N THR A 550 29.79 27.15 -12.58
CA THR A 550 29.56 28.58 -12.40
C THR A 550 30.83 29.39 -12.69
N PHE A 551 32.01 28.81 -12.41
CA PHE A 551 33.25 29.54 -12.65
C PHE A 551 33.48 29.78 -14.13
N PHE A 552 33.14 28.81 -14.97
CA PHE A 552 33.33 29.00 -16.41
C PHE A 552 32.19 29.79 -17.03
N ASP A 553 30.97 29.64 -16.52
CA ASP A 553 29.86 30.46 -17.01
C ASP A 553 30.10 31.94 -16.75
N GLU A 554 30.79 32.26 -15.65
CA GLU A 554 31.18 33.64 -15.41
C GLU A 554 32.40 34.02 -16.22
N TYR A 555 33.31 33.07 -16.42
CA TYR A 555 34.52 33.34 -17.21
C TYR A 555 34.20 33.58 -18.67
N HIS A 556 33.30 32.78 -19.25
CA HIS A 556 32.95 32.93 -20.65
C HIS A 556 32.10 34.18 -20.89
N SER A 557 31.52 34.76 -19.84
CA SER A 557 30.71 35.97 -19.97
C SER A 557 31.51 37.25 -19.84
N GLY A 558 32.79 37.16 -19.47
CA GLY A 558 33.60 38.34 -19.31
C GLY A 558 33.55 38.95 -17.91
N HIS A 559 32.79 38.37 -17.00
CA HIS A 559 32.73 38.85 -15.61
C HIS A 559 33.95 38.29 -14.90
N ILE A 560 35.10 38.93 -15.18
CA ILE A 560 36.38 38.43 -14.69
C ILE A 560 36.44 38.52 -13.17
N ASP A 561 36.14 39.70 -12.62
CA ASP A 561 36.18 39.89 -11.17
C ASP A 561 35.32 38.85 -10.47
N ARG A 562 34.06 38.70 -10.92
CA ARG A 562 33.16 37.75 -10.27
C ARG A 562 33.69 36.32 -10.37
N ALA A 563 34.24 35.94 -11.53
CA ALA A 563 34.72 34.57 -11.70
C ALA A 563 35.96 34.31 -10.85
N PHE A 564 36.82 35.31 -10.71
CA PHE A 564 38.02 35.14 -9.88
C PHE A 564 37.64 34.85 -8.43
N ASP A 565 36.58 35.52 -7.94
CA ASP A 565 36.18 35.32 -6.55
C ASP A 565 35.74 33.89 -6.29
N ILE A 566 35.03 33.28 -7.24
CA ILE A 566 34.52 31.93 -7.03
C ILE A 566 35.68 30.95 -6.88
N ILE A 567 36.60 30.95 -7.85
CA ILE A 567 37.72 30.01 -7.81
C ILE A 567 38.50 30.19 -6.51
N GLU A 568 38.57 31.40 -5.99
CA GLU A 568 39.32 31.64 -4.75
C GLU A 568 38.67 30.90 -3.58
N ARG A 569 37.34 30.92 -3.50
CA ARG A 569 36.66 30.23 -2.41
C ARG A 569 36.97 28.74 -2.42
N LEU A 570 36.87 28.11 -3.60
CA LEU A 570 37.02 26.66 -3.69
C LEU A 570 38.34 26.17 -3.12
N LYS A 571 39.34 27.03 -3.02
CA LYS A 571 40.66 26.62 -2.51
C LYS A 571 41.15 25.38 -3.25
N LEU A 572 40.89 25.35 -4.56
CA LEU A 572 41.33 24.26 -5.41
C LEU A 572 42.69 24.54 -6.05
N VAL A 573 42.90 25.76 -6.51
CA VAL A 573 44.17 26.18 -7.10
C VAL A 573 44.85 27.13 -6.11
N PRO A 574 46.10 26.87 -5.72
CA PRO A 574 46.77 27.79 -4.79
C PRO A 574 47.06 29.12 -5.47
N LEU A 575 46.96 30.20 -4.70
CA LEU A 575 47.32 31.53 -5.16
C LEU A 575 48.44 32.18 -4.35
N ASN A 576 48.73 31.69 -3.14
CA ASN A 576 49.86 32.12 -2.35
C ASN A 576 50.78 30.92 -2.13
N GLN A 577 52.09 31.16 -2.21
CA GLN A 577 53.06 30.06 -2.19
C GLN A 577 52.89 29.15 -0.98
N GLU A 578 52.37 29.68 0.13
CA GLU A 578 52.27 28.86 1.34
C GLU A 578 51.29 27.71 1.16
N SER A 579 50.22 27.91 0.38
CA SER A 579 49.19 26.89 0.22
C SER A 579 49.57 25.80 -0.77
N VAL A 580 50.70 25.91 -1.46
CA VAL A 580 51.02 24.95 -2.51
C VAL A 580 51.14 23.55 -1.95
N GLU A 581 51.80 23.40 -0.79
CA GLU A 581 52.03 22.06 -0.25
C GLU A 581 50.72 21.34 0.02
N GLU A 582 49.77 22.02 0.66
CA GLU A 582 48.52 21.36 1.02
C GLU A 582 47.62 21.16 -0.19
N ARG A 583 47.53 22.16 -1.06
CA ARG A 583 46.69 22.02 -2.25
C ARG A 583 47.19 20.88 -3.14
N VAL A 584 48.51 20.71 -3.22
CA VAL A 584 49.08 19.64 -4.03
C VAL A 584 48.70 18.28 -3.47
N ALA A 585 48.71 18.14 -2.14
CA ALA A 585 48.33 16.88 -1.53
C ALA A 585 46.85 16.58 -1.75
N ALA A 586 46.00 17.62 -1.73
CA ALA A 586 44.57 17.40 -1.92
C ALA A 586 44.27 16.86 -3.31
N PHE A 587 44.97 17.35 -4.33
CA PHE A 587 44.72 16.89 -5.69
C PHE A 587 44.84 15.38 -5.81
N ARG A 588 45.64 14.75 -4.96
CA ARG A 588 45.89 13.32 -5.08
C ARG A 588 44.63 12.50 -4.85
N ASN A 589 43.74 12.96 -3.97
CA ASN A 589 42.56 12.19 -3.59
C ASN A 589 41.25 12.84 -4.04
N PHE A 590 41.32 13.79 -4.97
CA PHE A 590 40.12 14.38 -5.53
C PHE A 590 39.66 13.57 -6.74
N SER A 591 38.34 13.51 -6.92
CA SER A 591 37.75 12.69 -7.97
C SER A 591 38.36 13.02 -9.32
N ASP A 592 38.67 11.97 -10.08
CA ASP A 592 39.23 12.15 -11.42
C ASP A 592 38.33 12.97 -12.32
N GLU A 593 37.03 13.03 -12.05
CA GLU A 593 36.17 13.95 -12.78
C GLU A 593 36.58 15.40 -12.52
N ILE A 594 37.35 15.66 -11.46
CA ILE A 594 37.89 16.98 -11.21
C ILE A 594 39.27 17.14 -11.81
N ARG A 595 40.16 16.17 -11.57
CA ARG A 595 41.51 16.25 -12.12
C ARG A 595 41.48 16.39 -13.64
N HIS A 596 40.49 15.79 -14.29
CA HIS A 596 40.36 15.93 -15.74
C HIS A 596 40.31 17.39 -16.15
N ASN A 597 39.48 18.18 -15.47
CA ASN A 597 39.27 19.58 -15.83
C ASN A 597 40.27 20.52 -15.19
N LEU A 598 41.33 19.99 -14.56
CA LEU A 598 42.33 20.86 -13.96
C LEU A 598 43.02 21.72 -15.03
N SER A 599 43.24 21.14 -16.21
CA SER A 599 43.94 21.87 -17.28
C SER A 599 43.19 23.15 -17.63
N GLU A 600 41.89 23.05 -17.88
CA GLU A 600 41.10 24.22 -18.27
C GLU A 600 40.95 25.21 -17.12
N VAL A 601 40.96 24.73 -15.88
CA VAL A 601 40.83 25.62 -14.73
C VAL A 601 42.07 26.49 -14.60
N LEU A 602 43.26 25.87 -14.66
CA LEU A 602 44.49 26.65 -14.54
C LEU A 602 44.57 27.72 -15.62
N LEU A 603 44.22 27.36 -16.86
CA LEU A 603 44.32 28.31 -17.96
C LEU A 603 43.32 29.45 -17.82
N ALA A 604 42.08 29.13 -17.47
CA ALA A 604 41.09 30.18 -17.26
C ALA A 604 41.52 31.10 -16.13
N THR A 605 41.96 30.52 -15.01
CA THR A 605 42.43 31.33 -13.90
C THR A 605 43.62 32.18 -14.31
N MET A 606 44.56 31.59 -15.05
CA MET A 606 45.69 32.37 -15.56
C MET A 606 45.21 33.46 -16.50
N ASN A 607 44.40 33.09 -17.50
CA ASN A 607 43.88 34.09 -18.41
C ASN A 607 43.07 35.16 -17.68
N ILE A 608 42.51 34.82 -16.53
CA ILE A 608 41.83 35.82 -15.71
C ILE A 608 42.84 36.81 -15.14
N LEU A 609 43.84 36.30 -14.41
CA LEU A 609 44.91 37.18 -13.96
C LEU A 609 45.55 37.91 -15.14
N PHE A 610 45.72 37.20 -16.25
CA PHE A 610 46.32 37.79 -17.46
C PHE A 610 45.55 39.03 -17.90
N THR A 611 44.23 38.94 -17.97
CA THR A 611 43.43 40.09 -18.40
C THR A 611 43.51 41.21 -17.38
N GLN A 612 43.35 40.87 -16.09
CA GLN A 612 43.38 41.89 -15.05
C GLN A 612 44.70 42.64 -15.00
N PHE A 613 45.79 42.02 -15.47
CA PHE A 613 47.09 42.69 -15.42
C PHE A 613 47.14 43.85 -16.39
N LYS A 614 46.64 43.67 -17.62
CA LYS A 614 46.68 44.72 -18.62
C LYS A 614 45.81 45.91 -18.24
N ARG A 615 44.88 45.75 -17.32
CA ARG A 615 43.99 46.82 -16.91
C ARG A 615 44.63 47.71 -15.85
N ASP A 633 52.36 46.34 -4.38
CA ASP A 633 51.35 46.88 -5.29
C ASP A 633 50.61 45.76 -6.00
N ARG A 634 49.49 46.13 -6.65
CA ARG A 634 48.65 45.15 -7.33
C ARG A 634 49.45 44.35 -8.36
N ASP A 635 50.31 45.02 -9.13
CA ASP A 635 51.10 44.31 -10.13
C ASP A 635 51.91 43.19 -9.48
N SER A 636 52.54 43.49 -8.34
CA SER A 636 53.30 42.46 -7.63
C SER A 636 52.39 41.31 -7.21
N GLN A 637 51.17 41.63 -6.76
CA GLN A 637 50.26 40.60 -6.26
C GLN A 637 49.86 39.64 -7.38
N LEU A 638 49.49 40.18 -8.55
CA LEU A 638 49.16 39.32 -9.67
C LEU A 638 50.37 38.50 -10.09
N ARG A 639 51.54 39.15 -10.12
CA ARG A 639 52.78 38.47 -10.50
C ARG A 639 53.05 37.30 -9.56
N SER A 640 52.88 37.52 -8.26
CA SER A 640 53.09 36.46 -7.27
C SER A 640 52.11 35.30 -7.48
N GLN A 641 50.83 35.63 -7.67
CA GLN A 641 49.82 34.60 -7.92
C GLN A 641 50.10 33.86 -9.22
N ALA A 642 50.55 34.59 -10.24
CA ALA A 642 50.91 33.95 -11.50
C ALA A 642 51.94 32.86 -11.24
N ARG A 643 52.97 33.19 -10.46
CA ARG A 643 53.99 32.21 -10.15
C ARG A 643 53.38 30.99 -9.47
N THR A 644 52.52 31.23 -8.49
CA THR A 644 51.93 30.15 -7.70
C THR A 644 51.28 29.09 -8.60
N LEU A 645 50.42 29.55 -9.52
CA LEU A 645 49.79 28.61 -10.45
C LEU A 645 50.80 27.75 -11.18
N ILE A 646 51.92 28.34 -11.62
CA ILE A 646 52.92 27.58 -12.36
C ILE A 646 53.50 26.46 -11.50
N THR A 647 54.03 26.80 -10.32
CA THR A 647 54.62 25.80 -9.44
C THR A 647 53.63 24.70 -9.09
N PHE A 648 52.37 25.06 -8.87
CA PHE A 648 51.36 24.03 -8.63
C PHE A 648 51.30 23.11 -9.84
N ALA A 649 51.06 23.67 -11.03
CA ALA A 649 50.97 22.86 -12.24
C ALA A 649 52.25 22.08 -12.47
N GLY A 650 53.40 22.62 -12.06
CA GLY A 650 54.65 21.89 -12.24
C GLY A 650 54.72 20.62 -11.41
N MET A 651 54.14 20.64 -10.22
CA MET A 651 54.20 19.50 -9.31
C MET A 651 53.02 18.54 -9.48
N ILE A 652 52.07 18.85 -10.36
CA ILE A 652 50.87 18.05 -10.54
C ILE A 652 50.98 17.33 -11.89
N PRO A 653 50.92 16.00 -11.94
CA PRO A 653 50.81 15.32 -13.23
C PRO A 653 49.36 15.19 -13.66
N TYR A 654 48.97 15.81 -14.77
CA TYR A 654 47.56 15.87 -15.12
C TYR A 654 47.39 15.90 -16.63
N ARG A 655 46.13 16.07 -17.06
CA ARG A 655 45.80 16.08 -18.48
C ARG A 655 46.47 17.24 -19.20
N THR A 656 47.01 16.95 -20.38
CA THR A 656 47.64 17.96 -21.23
C THR A 656 48.54 18.88 -20.41
N SER A 657 49.34 18.29 -19.53
CA SER A 657 50.28 19.09 -18.73
C SER A 657 51.33 19.74 -19.61
N GLY A 658 51.63 19.15 -20.76
CA GLY A 658 52.61 19.69 -21.68
C GLY A 658 52.20 21.04 -22.25
N ASP A 659 51.12 21.05 -23.03
CA ASP A 659 50.66 22.31 -23.63
C ASP A 659 50.27 23.31 -22.55
N THR A 660 49.67 22.83 -21.46
CA THR A 660 49.16 23.75 -20.45
C THR A 660 50.31 24.42 -19.70
N ASN A 661 51.25 23.62 -19.19
CA ASN A 661 52.36 24.20 -18.43
C ASN A 661 53.13 25.21 -19.26
N ALA A 662 53.24 24.99 -20.58
CA ALA A 662 53.94 25.93 -21.45
C ALA A 662 53.17 27.23 -21.57
N ARG A 663 51.87 27.15 -21.89
CA ARG A 663 51.06 28.35 -22.04
C ARG A 663 51.03 29.15 -20.74
N LEU A 664 50.94 28.47 -19.60
CA LEU A 664 50.92 29.17 -18.33
C LEU A 664 52.18 30.00 -18.14
N VAL A 665 53.34 29.45 -18.54
CA VAL A 665 54.59 30.16 -18.34
C VAL A 665 54.68 31.36 -19.27
N GLN A 666 54.20 31.22 -20.51
CA GLN A 666 54.24 32.34 -21.45
C GLN A 666 53.39 33.49 -20.93
N MET A 667 52.18 33.20 -20.44
CA MET A 667 51.31 34.27 -19.98
C MET A 667 51.93 34.99 -18.78
N GLU A 668 52.72 34.29 -17.98
CA GLU A 668 53.39 34.95 -16.86
C GLU A 668 54.54 35.84 -17.32
N VAL A 669 55.18 35.50 -18.43
CA VAL A 669 56.28 36.31 -18.93
C VAL A 669 55.76 37.63 -19.47
N LEU A 670 54.62 37.61 -20.17
CA LEU A 670 54.08 38.84 -20.73
C LEU A 670 53.71 39.84 -19.63
N MET A 671 53.36 39.34 -18.45
CA MET A 671 53.01 40.22 -17.34
C MET A 671 54.18 41.12 -16.97
N ASN A 672 55.37 40.55 -16.83
CA ASN A 672 56.56 41.30 -16.43
C ASN A 672 56.94 42.33 -17.49
N SER B 29 12.18 -4.05 12.13
CA SER B 29 12.03 -2.74 12.79
C SER B 29 12.53 -1.64 11.82
N SER B 30 11.67 -0.65 11.62
CA SER B 30 11.97 0.50 10.77
C SER B 30 12.48 1.67 11.61
N LEU B 31 12.69 1.45 12.91
CA LEU B 31 13.10 2.50 13.83
C LEU B 31 14.60 2.36 14.06
N ASP B 32 15.36 3.39 13.68
CA ASP B 32 16.79 3.37 13.94
C ASP B 32 17.03 3.65 15.42
N ASN B 33 18.29 3.56 15.83
CA ASN B 33 18.60 3.71 17.25
C ASN B 33 18.04 5.01 17.82
N ILE B 34 18.28 6.14 17.14
CA ILE B 34 17.83 7.42 17.67
C ILE B 34 16.31 7.46 17.74
N GLU B 35 15.64 7.08 16.66
CA GLU B 35 14.17 7.11 16.67
C GLU B 35 13.62 6.12 17.69
N MET B 36 14.24 4.95 17.83
CA MET B 36 13.76 3.98 18.81
C MET B 36 13.98 4.46 20.24
N ALA B 37 15.17 5.00 20.53
CA ALA B 37 15.43 5.51 21.87
C ALA B 37 14.43 6.57 22.28
N TYR B 38 14.07 7.46 21.34
CA TYR B 38 13.04 8.46 21.64
C TYR B 38 11.68 7.78 21.87
N ALA B 39 11.36 6.76 21.07
CA ALA B 39 10.09 6.06 21.23
C ALA B 39 9.93 5.54 22.65
N ARG B 40 10.98 4.92 23.20
CA ARG B 40 10.92 4.48 24.58
C ARG B 40 10.63 5.65 25.52
N GLN B 41 11.31 6.78 25.31
CA GLN B 41 11.07 7.94 26.15
C GLN B 41 9.63 8.42 26.03
N ILE B 42 9.06 8.38 24.83
CA ILE B 42 7.67 8.81 24.67
C ILE B 42 6.71 7.79 25.26
N TYR B 43 7.13 6.52 25.37
CA TYR B 43 6.31 5.56 26.07
C TYR B 43 6.21 5.90 27.56
N ILE B 44 7.33 6.27 28.16
CA ILE B 44 7.33 6.70 29.56
C ILE B 44 6.39 7.88 29.76
N TYR B 45 6.67 8.98 29.05
CA TYR B 45 5.83 10.17 29.16
C TYR B 45 4.37 9.85 28.96
N ASN B 46 4.06 8.84 28.14
CA ASN B 46 2.68 8.42 28.00
C ASN B 46 2.24 7.57 29.19
N GLU B 47 3.10 6.63 29.61
CA GLU B 47 2.77 5.80 30.76
C GLU B 47 2.50 6.65 31.99
N LYS B 48 3.23 7.75 32.15
CA LYS B 48 3.03 8.60 33.32
C LYS B 48 1.68 9.32 33.26
N ILE B 49 1.35 9.92 32.11
CA ILE B 49 0.10 10.67 32.03
C ILE B 49 -1.11 9.74 31.86
N VAL B 50 -0.92 8.54 31.32
CA VAL B 50 -2.04 7.62 31.15
C VAL B 50 -2.49 7.08 32.49
N ASN B 51 -1.58 7.00 33.46
CA ASN B 51 -1.90 6.55 34.81
C ASN B 51 -2.03 7.71 35.78
N GLY B 52 -2.21 8.93 35.25
CA GLY B 52 -2.50 10.08 36.07
C GLY B 52 -1.35 10.65 36.87
N HIS B 53 -0.15 10.07 36.76
CA HIS B 53 0.96 10.57 37.56
C HIS B 53 1.28 12.00 37.14
N LEU B 54 2.20 12.63 37.87
CA LEU B 54 2.70 13.93 37.47
C LEU B 54 3.38 13.77 36.11
N GLN B 55 3.05 14.64 35.17
CA GLN B 55 3.67 14.55 33.84
C GLN B 55 5.12 15.04 33.91
N PRO B 56 6.11 14.17 33.80
CA PRO B 56 7.50 14.62 33.94
C PRO B 56 7.90 15.54 32.80
N ASN B 57 9.08 16.12 32.93
CA ASN B 57 9.58 17.07 31.94
C ASN B 57 9.92 16.33 30.66
N LEU B 58 9.14 16.60 29.60
CA LEU B 58 9.40 15.96 28.32
C LEU B 58 10.77 16.35 27.78
N VAL B 59 11.07 17.65 27.81
CA VAL B 59 12.35 18.12 27.28
C VAL B 59 13.51 17.36 27.92
N ASP B 60 13.41 17.07 29.22
CA ASP B 60 14.44 16.28 29.89
C ASP B 60 14.41 14.83 29.42
N LEU B 61 13.22 14.29 29.18
CA LEU B 61 13.09 12.93 28.67
C LEU B 61 13.67 12.80 27.28
N CYS B 62 13.69 13.88 26.51
CA CYS B 62 14.25 13.87 25.16
C CYS B 62 15.76 14.10 25.17
N ALA B 63 16.23 15.04 26.00
CA ALA B 63 17.67 15.24 26.14
C ALA B 63 18.35 14.01 26.74
N SER B 64 17.59 13.13 27.39
CA SER B 64 18.17 11.91 27.93
C SER B 64 18.73 11.02 26.82
N VAL B 65 18.10 11.06 25.65
CA VAL B 65 18.60 10.30 24.51
C VAL B 65 19.68 11.07 23.77
N ALA B 66 19.63 12.40 23.82
CA ALA B 66 20.60 13.22 23.10
C ALA B 66 22.04 12.80 23.40
N GLU B 67 22.32 12.44 24.66
CA GLU B 67 23.68 12.06 25.01
C GLU B 67 24.16 10.84 24.24
N LEU B 68 23.24 10.06 23.65
CA LEU B 68 23.60 8.92 22.84
C LEU B 68 24.06 9.30 21.45
N ASP B 69 23.91 10.56 21.04
CA ASP B 69 24.29 11.04 19.73
C ASP B 69 25.41 12.07 19.85
N ASP B 70 25.81 12.61 18.70
CA ASP B 70 26.85 13.63 18.67
C ASP B 70 26.39 14.89 19.42
N LYS B 71 27.36 15.73 19.77
CA LYS B 71 27.05 16.94 20.52
C LYS B 71 26.26 17.95 19.71
N SER B 72 26.15 17.77 18.39
CA SER B 72 25.31 18.66 17.60
C SER B 72 23.89 18.68 18.14
N ILE B 73 23.40 17.56 18.63
CA ILE B 73 22.03 17.43 19.13
C ILE B 73 21.94 17.83 20.60
N SER B 74 22.96 17.50 21.39
CA SER B 74 22.96 17.90 22.79
C SER B 74 22.85 19.42 22.92
N ASP B 75 23.68 20.14 22.17
CA ASP B 75 23.60 21.60 22.19
C ASP B 75 22.27 22.11 21.67
N MET B 76 21.56 21.31 20.86
CA MET B 76 20.22 21.71 20.43
C MET B 76 19.25 21.68 21.60
N TRP B 77 19.10 20.51 22.23
CA TRP B 77 18.18 20.39 23.35
C TRP B 77 18.55 21.37 24.47
N THR B 78 19.84 21.59 24.68
CA THR B 78 20.27 22.61 25.63
C THR B 78 19.63 23.95 25.30
N MET B 79 19.63 24.32 24.03
CA MET B 79 18.96 25.56 23.62
C MET B 79 17.45 25.44 23.78
N VAL B 80 16.88 24.29 23.43
CA VAL B 80 15.44 24.11 23.52
C VAL B 80 14.99 24.24 24.96
N LYS B 81 15.69 23.57 25.87
CA LYS B 81 15.35 23.66 27.29
C LYS B 81 15.43 25.09 27.78
N GLN B 82 16.54 25.78 27.48
CA GLN B 82 16.72 27.14 27.97
C GLN B 82 15.75 28.11 27.30
N MET B 83 15.35 27.85 26.06
CA MET B 83 14.41 28.75 25.39
C MET B 83 12.98 28.51 25.84
N THR B 84 12.67 27.33 26.38
CA THR B 84 11.34 27.01 26.85
C THR B 84 11.18 27.20 28.36
N ASP B 85 12.27 27.45 29.07
CA ASP B 85 12.23 27.65 30.53
C ASP B 85 11.87 29.10 30.85
N VAL B 86 10.65 29.48 30.44
CA VAL B 86 10.14 30.83 30.63
C VAL B 86 8.92 30.77 31.53
N LEU B 87 8.77 31.77 32.39
CA LEU B 87 7.59 31.86 33.24
C LEU B 87 6.34 31.98 32.37
N LEU B 88 5.46 31.00 32.48
CA LEU B 88 4.24 30.94 31.68
C LEU B 88 3.03 31.21 32.57
N THR B 89 1.88 31.34 31.91
CA THR B 89 0.59 31.54 32.57
C THR B 89 -0.19 30.24 32.45
N PRO B 90 -0.11 29.33 33.43
CA PRO B 90 -0.77 28.03 33.29
C PRO B 90 -2.24 28.17 32.91
N ALA B 91 -2.72 27.21 32.12
CA ALA B 91 -4.11 27.18 31.66
C ALA B 91 -4.45 28.32 30.72
N THR B 92 -3.47 28.83 29.99
CA THR B 92 -3.67 29.93 29.05
C THR B 92 -3.52 29.44 27.61
N ASP B 93 -4.23 30.11 26.71
CA ASP B 93 -4.23 29.73 25.31
C ASP B 93 -2.83 29.89 24.71
N ALA B 94 -2.56 29.09 23.68
CA ALA B 94 -1.25 29.14 23.03
C ALA B 94 -1.01 30.50 22.36
N LEU B 95 -1.95 30.93 21.52
CA LEU B 95 -1.76 32.20 20.82
C LEU B 95 -1.54 33.35 21.79
N LYS B 96 -2.14 33.30 22.97
CA LYS B 96 -2.02 34.40 23.92
C LYS B 96 -0.62 34.46 24.52
N ASN B 97 -0.08 33.30 24.94
CA ASN B 97 1.25 33.29 25.54
C ASN B 97 2.29 33.86 24.59
N ARG B 98 2.18 33.54 23.29
CA ARG B 98 3.16 33.98 22.32
C ARG B 98 2.94 35.42 21.87
N SER B 99 1.75 35.97 22.12
CA SER B 99 1.48 37.36 21.79
C SER B 99 1.82 38.32 22.92
N SER B 100 1.83 37.84 24.16
CA SER B 100 2.06 38.72 25.29
C SER B 100 3.49 39.26 25.26
N VAL B 101 3.61 40.58 25.31
CA VAL B 101 4.94 41.18 25.36
C VAL B 101 5.73 40.65 26.54
N GLU B 102 5.04 40.27 27.62
CA GLU B 102 5.73 39.72 28.78
C GLU B 102 6.56 38.51 28.40
N VAL B 103 5.94 37.51 27.77
CA VAL B 103 6.65 36.28 27.45
C VAL B 103 7.68 36.51 26.36
N ARG B 104 7.30 37.25 25.31
CA ARG B 104 8.23 37.51 24.22
C ARG B 104 9.51 38.18 24.72
N MET B 105 9.42 38.91 25.83
CA MET B 105 10.60 39.56 26.38
C MET B 105 11.55 38.54 27.02
N GLU B 106 11.00 37.55 27.73
CA GLU B 106 11.87 36.58 28.39
C GLU B 106 12.54 35.67 27.37
N PHE B 107 11.89 35.41 26.22
CA PHE B 107 12.55 34.68 25.14
C PHE B 107 13.84 35.38 24.74
N VAL B 108 13.79 36.70 24.58
CA VAL B 108 14.98 37.46 24.23
C VAL B 108 16.04 37.30 25.32
N ARG B 109 15.61 37.30 26.59
CA ARG B 109 16.57 37.16 27.68
C ARG B 109 17.15 35.75 27.73
N GLN B 110 16.30 34.74 27.54
CA GLN B 110 16.78 33.36 27.56
C GLN B 110 17.72 33.09 26.38
N ALA B 111 17.44 33.70 25.22
CA ALA B 111 18.31 33.53 24.06
C ALA B 111 19.66 34.20 24.31
N LEU B 112 19.64 35.47 24.72
CA LEU B 112 20.88 36.16 25.06
C LEU B 112 21.69 35.37 26.08
N ALA B 113 21.00 34.77 27.05
CA ALA B 113 21.71 33.98 28.06
C ALA B 113 22.33 32.73 27.45
N TYR B 114 21.77 32.24 26.34
CA TYR B 114 22.36 31.09 25.67
C TYR B 114 23.55 31.50 24.81
N LEU B 115 23.42 32.61 24.09
CA LEU B 115 24.52 33.09 23.25
C LEU B 115 25.73 33.47 24.10
N GLU B 116 25.50 34.01 25.29
CA GLU B 116 26.61 34.39 26.17
C GLU B 116 27.30 33.16 26.74
N GLN B 117 26.52 32.21 27.25
CA GLN B 117 27.10 30.99 27.81
C GLN B 117 27.77 30.16 26.71
N SER B 118 27.13 30.06 25.55
CA SER B 118 27.73 29.34 24.43
C SER B 118 29.06 29.96 24.03
N TYR B 119 29.10 31.29 23.91
CA TYR B 119 30.36 31.95 23.56
C TYR B 119 31.40 31.76 24.65
N LYS B 120 30.98 31.77 25.92
CA LYS B 120 31.92 31.57 27.01
C LYS B 120 32.56 30.18 26.92
N ASN B 121 31.81 29.19 26.44
CA ASN B 121 32.39 27.88 26.20
C ASN B 121 33.31 27.90 24.99
N TYR B 122 32.96 28.69 23.96
CA TYR B 122 33.90 28.89 22.85
C TYR B 122 35.17 29.57 23.33
N THR B 123 35.05 30.52 24.25
CA THR B 123 36.24 31.19 24.76
C THR B 123 37.09 30.25 25.60
N LEU B 124 36.46 29.27 26.25
CA LEU B 124 37.22 28.30 27.03
C LEU B 124 37.98 27.35 26.13
N VAL B 125 37.28 26.70 25.19
CA VAL B 125 37.95 25.77 24.28
C VAL B 125 38.99 26.47 23.42
N THR B 126 38.92 27.80 23.31
CA THR B 126 39.94 28.52 22.55
C THR B 126 41.24 28.67 23.35
N VAL B 127 41.13 28.87 24.67
CA VAL B 127 42.33 29.02 25.50
C VAL B 127 42.85 27.66 25.94
N PHE B 128 41.98 26.84 26.49
CA PHE B 128 42.26 25.43 26.72
C PHE B 128 41.66 24.69 25.54
N GLY B 129 42.35 23.66 25.04
CA GLY B 129 41.83 22.98 23.87
C GLY B 129 40.59 22.15 24.14
N ASN B 130 40.35 21.80 25.40
CA ASN B 130 39.30 20.86 25.76
C ASN B 130 38.59 21.34 27.00
N LEU B 131 37.27 21.15 27.03
CA LEU B 131 36.48 21.51 28.20
C LEU B 131 37.04 20.83 29.45
N HIS B 132 37.40 19.55 29.34
CA HIS B 132 38.02 18.85 30.45
C HIS B 132 39.30 19.55 30.89
N GLN B 133 40.11 20.03 29.93
CA GLN B 133 41.37 20.65 30.29
C GLN B 133 41.15 21.89 31.16
N ALA B 134 40.13 22.69 30.85
CA ALA B 134 39.87 23.89 31.64
C ALA B 134 39.45 23.53 33.06
N GLN B 135 38.61 22.50 33.21
CA GLN B 135 38.13 22.11 34.53
C GLN B 135 39.27 21.60 35.40
N LEU B 136 40.29 20.99 34.80
CA LEU B 136 41.34 20.32 35.57
C LEU B 136 41.97 21.26 36.59
N GLY B 137 42.37 22.45 36.16
CA GLY B 137 42.92 23.45 37.07
C GLY B 137 41.91 24.32 37.79
N GLY B 138 40.65 24.30 37.35
CA GLY B 138 39.65 25.22 37.86
C GLY B 138 39.40 26.30 36.82
N VAL B 139 38.13 26.51 36.47
CA VAL B 139 37.76 27.51 35.47
C VAL B 139 38.21 28.87 35.97
N PRO B 140 39.05 29.60 35.23
CA PRO B 140 39.56 30.87 35.73
C PRO B 140 38.48 31.95 35.70
N GLY B 141 38.78 33.05 36.39
CA GLY B 141 37.87 34.17 36.40
C GLY B 141 37.58 34.65 34.99
N THR B 142 36.33 35.07 34.75
CA THR B 142 35.95 35.55 33.44
C THR B 142 36.91 36.62 32.94
N TYR B 143 37.51 37.39 33.84
CA TYR B 143 38.47 38.42 33.45
C TYR B 143 39.76 37.81 32.90
N GLN B 144 40.40 36.94 33.67
CA GLN B 144 41.65 36.35 33.17
C GLN B 144 41.40 35.41 31.99
N LEU B 145 40.23 34.79 31.94
CA LEU B 145 39.88 34.02 30.75
C LEU B 145 39.92 34.92 29.52
N VAL B 146 39.24 36.06 29.61
CA VAL B 146 39.26 37.04 28.52
C VAL B 146 40.70 37.43 28.18
N ARG B 147 41.52 37.70 29.18
CA ARG B 147 42.91 38.02 28.92
C ARG B 147 43.60 36.89 28.17
N SER B 148 43.44 35.65 28.65
CA SER B 148 44.04 34.52 27.96
C SER B 148 43.39 34.25 26.62
N PHE B 149 42.24 34.87 26.35
CA PHE B 149 41.61 34.76 25.05
C PHE B 149 42.05 35.87 24.12
N LEU B 150 42.41 37.03 24.69
CA LEU B 150 42.82 38.14 23.83
C LEU B 150 44.23 37.90 23.28
N ASN B 151 45.10 37.29 24.09
CA ASN B 151 46.44 36.98 23.62
C ASN B 151 46.38 36.10 22.38
N ILE B 152 45.45 35.15 22.34
CA ILE B 152 45.29 34.30 21.16
C ILE B 152 44.74 35.10 19.99
N LYS B 153 43.60 35.76 20.17
CA LYS B 153 42.90 36.39 19.07
C LYS B 153 43.49 37.73 18.66
N LEU B 154 44.39 38.30 19.46
CA LEU B 154 45.17 39.46 19.03
C LEU B 154 46.57 39.33 19.59
N PRO B 155 47.48 38.73 18.83
CA PRO B 155 48.86 38.58 19.33
C PRO B 155 49.64 39.88 19.22
N ALA B 156 49.47 40.59 18.10
CA ALA B 156 50.12 41.87 17.85
C ALA B 156 49.13 43.01 18.04
N PRO B 157 49.62 44.20 18.41
CA PRO B 157 48.71 45.32 18.67
C PRO B 157 48.21 45.94 17.36
N LEU B 158 46.89 46.14 17.27
CA LEU B 158 46.33 46.86 16.13
C LEU B 158 46.55 48.36 16.33
N PRO B 159 46.98 49.08 15.30
CA PRO B 159 47.35 50.50 15.50
C PRO B 159 46.18 51.44 15.70
N GLY B 160 44.94 50.96 15.56
CA GLY B 160 43.77 51.81 15.67
C GLY B 160 43.07 51.81 17.00
N LEU B 161 43.64 51.19 18.03
CA LEU B 161 42.98 51.12 19.32
C LEU B 161 43.06 52.46 20.05
N GLN B 162 42.17 52.64 21.02
CA GLN B 162 42.07 53.90 21.75
C GLN B 162 41.85 53.63 23.24
N ASP B 163 41.95 54.69 24.03
CA ASP B 163 41.68 54.68 25.47
C ASP B 163 42.65 53.77 26.23
N GLY B 164 43.84 53.57 25.68
CA GLY B 164 44.86 52.84 26.40
C GLY B 164 44.48 51.40 26.70
N GLU B 165 45.30 50.80 27.55
CA GLU B 165 45.18 49.40 27.91
C GLU B 165 44.93 49.24 29.40
N VAL B 166 44.70 47.99 29.79
CA VAL B 166 44.53 47.59 31.18
C VAL B 166 45.17 46.22 31.36
N GLU B 167 46.20 46.14 32.19
CA GLU B 167 46.92 44.89 32.42
C GLU B 167 47.37 44.28 31.09
N GLY B 168 47.79 45.15 30.16
CA GLY B 168 48.45 44.71 28.95
C GLY B 168 47.55 44.43 27.77
N HIS B 169 46.30 44.85 27.80
CA HIS B 169 45.40 44.61 26.68
C HIS B 169 44.44 45.79 26.54
N PRO B 170 43.97 46.08 25.32
CA PRO B 170 43.12 47.26 25.12
C PRO B 170 41.83 47.18 25.92
N VAL B 171 41.48 48.31 26.55
CA VAL B 171 40.36 48.33 27.49
C VAL B 171 39.06 47.96 26.79
N TRP B 172 38.91 48.34 25.52
CA TRP B 172 37.65 48.10 24.83
C TRP B 172 37.50 46.65 24.40
N ALA B 173 38.60 45.98 24.08
CA ALA B 173 38.52 44.54 23.82
C ALA B 173 38.00 43.81 25.04
N LEU B 174 38.55 44.14 26.22
CA LEU B 174 38.13 43.48 27.45
C LEU B 174 36.65 43.70 27.72
N ILE B 175 36.17 44.94 27.59
CA ILE B 175 34.78 45.22 27.91
C ILE B 175 33.84 44.45 26.98
N TYR B 176 34.18 44.36 25.69
CA TYR B 176 33.31 43.68 24.75
C TYR B 176 33.24 42.19 25.06
N TYR B 177 34.40 41.52 25.10
CA TYR B 177 34.39 40.07 25.30
C TYR B 177 33.91 39.67 26.69
N CYS B 178 33.99 40.58 27.67
CA CYS B 178 33.34 40.32 28.95
C CYS B 178 31.83 40.40 28.82
N MET B 179 31.34 41.43 28.13
CA MET B 179 29.90 41.53 27.87
C MET B 179 29.42 40.39 26.98
N ARG B 180 30.25 40.00 26.01
CA ARG B 180 29.88 38.89 25.13
C ARG B 180 29.75 37.59 25.92
N CYS B 181 30.67 37.35 26.86
CA CYS B 181 30.55 36.18 27.72
C CYS B 181 29.42 36.33 28.74
N GLY B 182 28.93 37.55 28.95
CA GLY B 182 27.79 37.78 29.82
C GLY B 182 28.10 38.15 31.25
N ASP B 183 29.36 38.38 31.59
CA ASP B 183 29.76 38.75 32.94
C ASP B 183 29.96 40.27 32.95
N LEU B 184 28.86 40.99 33.16
CA LEU B 184 28.94 42.45 33.22
C LEU B 184 29.79 42.92 34.39
N LEU B 185 29.77 42.19 35.50
CA LEU B 185 30.61 42.56 36.64
C LEU B 185 32.07 42.61 36.24
N ALA B 186 32.55 41.56 35.57
CA ALA B 186 33.93 41.57 35.09
C ALA B 186 34.20 42.79 34.23
N ALA B 187 33.21 43.20 33.42
CA ALA B 187 33.39 44.38 32.58
C ALA B 187 33.45 45.65 33.41
N SER B 188 32.63 45.74 34.45
CA SER B 188 32.64 46.94 35.30
C SER B 188 33.96 47.08 36.04
N GLN B 189 34.59 45.96 36.42
CA GLN B 189 35.92 46.04 37.01
C GLN B 189 36.90 46.70 36.04
N VAL B 190 36.81 46.35 34.75
CA VAL B 190 37.68 46.96 33.75
C VAL B 190 37.49 48.47 33.71
N VAL B 191 36.24 48.92 33.80
CA VAL B 191 35.98 50.36 33.80
C VAL B 191 36.59 51.00 35.04
N ASN B 192 36.54 50.32 36.18
CA ASN B 192 37.09 50.89 37.40
C ASN B 192 38.59 51.10 37.28
N ARG B 193 39.25 50.33 36.42
CA ARG B 193 40.68 50.47 36.17
C ARG B 193 40.98 51.38 34.99
N ALA B 194 39.96 51.97 34.37
CA ALA B 194 40.14 52.91 33.28
C ALA B 194 39.26 54.13 33.49
N GLN B 195 39.10 54.55 34.75
CA GLN B 195 38.23 55.68 35.05
C GLN B 195 38.70 56.94 34.33
N HIS B 196 40.01 57.11 34.16
CA HIS B 196 40.52 58.36 33.61
C HIS B 196 40.26 58.49 32.12
N GLN B 197 40.59 57.46 31.34
CA GLN B 197 40.54 57.59 29.89
C GLN B 197 39.11 57.48 29.37
N LEU B 198 38.29 56.64 30.00
CA LEU B 198 36.94 56.40 29.51
C LEU B 198 36.00 57.57 29.81
N GLY B 199 36.43 58.55 30.59
CA GLY B 199 35.59 59.70 30.82
C GLY B 199 34.31 59.31 31.52
N GLU B 200 33.20 59.90 31.05
CA GLU B 200 31.90 59.69 31.67
C GLU B 200 31.32 58.31 31.42
N PHE B 201 32.00 57.46 30.63
CA PHE B 201 31.47 56.14 30.32
C PHE B 201 31.19 55.33 31.58
N LYS B 202 31.85 55.66 32.70
CA LYS B 202 31.66 54.88 33.91
C LYS B 202 30.23 55.00 34.42
N THR B 203 29.72 56.22 34.53
CA THR B 203 28.38 56.41 35.09
C THR B 203 27.31 55.82 34.17
N TRP B 204 27.57 55.77 32.86
CA TRP B 204 26.61 55.19 31.94
C TRP B 204 26.56 53.67 32.08
N PHE B 205 27.73 53.02 32.03
CA PHE B 205 27.75 51.56 32.13
C PHE B 205 27.18 51.10 33.45
N GLN B 206 27.59 51.72 34.56
CA GLN B 206 27.06 51.35 35.85
C GLN B 206 25.54 51.48 35.88
N GLU B 207 24.98 52.37 35.05
CA GLU B 207 23.53 52.47 34.94
C GLU B 207 22.96 51.34 34.10
N TYR B 208 23.64 51.00 32.99
CA TYR B 208 23.21 49.88 32.16
C TYR B 208 23.20 48.59 32.98
N MET B 209 24.26 48.36 33.76
CA MET B 209 24.33 47.17 34.59
C MET B 209 23.27 47.17 35.68
N ASN B 210 22.91 48.35 36.20
CA ASN B 210 21.94 48.41 37.29
C ASN B 210 20.51 48.28 36.76
N SER B 211 20.12 49.13 35.81
CA SER B 211 18.76 49.10 35.30
C SER B 211 18.42 47.72 34.76
N LYS B 212 17.20 47.27 35.06
CA LYS B 212 16.75 45.98 34.60
C LYS B 212 16.38 46.04 33.11
N ASP B 213 16.16 44.86 32.53
CA ASP B 213 15.81 44.72 31.12
C ASP B 213 16.86 45.33 30.19
N ARG B 214 18.08 45.54 30.69
CA ARG B 214 19.20 45.97 29.87
C ARG B 214 18.84 47.18 29.01
N ARG B 215 18.17 48.15 29.62
CA ARG B 215 17.81 49.39 28.93
C ARG B 215 18.16 50.57 29.81
N LEU B 216 18.61 51.65 29.18
CA LEU B 216 18.95 52.87 29.90
C LEU B 216 17.77 53.82 29.92
N SER B 217 17.90 54.87 30.74
CA SER B 217 16.88 55.89 30.81
C SER B 217 16.91 56.75 29.54
N PRO B 218 15.76 57.23 29.08
CA PRO B 218 15.75 58.06 27.87
C PRO B 218 16.71 59.24 27.92
N ALA B 219 16.87 59.86 29.09
CA ALA B 219 17.75 61.02 29.21
C ALA B 219 19.21 60.63 28.99
N THR B 220 19.70 59.65 29.76
CA THR B 220 21.08 59.23 29.61
C THR B 220 21.29 58.50 28.27
N GLU B 221 20.33 57.67 27.87
CA GLU B 221 20.41 57.02 26.56
C GLU B 221 20.52 58.06 25.45
N ASN B 222 19.81 59.18 25.58
CA ASN B 222 19.92 60.25 24.59
C ASN B 222 21.30 60.89 24.65
N LYS B 223 21.85 61.06 25.85
CA LYS B 223 23.17 61.66 26.00
C LYS B 223 24.24 60.80 25.33
N LEU B 224 24.12 59.48 25.47
CA LEU B 224 25.12 58.58 24.90
C LEU B 224 24.98 58.51 23.38
N ARG B 225 23.76 58.45 22.87
CA ARG B 225 23.56 58.36 21.43
C ARG B 225 24.18 59.53 20.70
N LEU B 226 23.88 60.75 21.15
CA LEU B 226 24.45 61.94 20.51
C LEU B 226 25.96 61.97 20.64
N HIS B 227 26.49 61.50 21.78
CA HIS B 227 27.94 61.47 21.97
C HIS B 227 28.60 60.55 20.95
N TYR B 228 28.03 59.36 20.77
CA TYR B 228 28.56 58.44 19.74
C TYR B 228 28.58 59.11 18.38
N ARG B 229 27.45 59.69 17.98
CA ARG B 229 27.40 60.36 16.67
C ARG B 229 28.29 61.60 16.66
N ARG B 230 28.54 62.21 17.82
CA ARG B 230 29.29 63.47 17.85
C ARG B 230 30.70 63.27 17.34
N ALA B 231 31.45 62.36 17.95
CA ALA B 231 32.87 62.18 17.61
C ALA B 231 33.28 60.72 17.42
N LEU B 232 32.33 59.78 17.38
CA LEU B 232 32.65 58.38 17.19
C LEU B 232 31.99 57.80 15.93
N ARG B 233 31.49 58.65 15.03
CA ARG B 233 30.85 58.15 13.82
C ARG B 233 31.81 57.26 13.03
N ASN B 234 33.08 57.63 12.96
CA ASN B 234 34.11 56.83 12.30
C ASN B 234 35.34 56.79 13.21
N ASN B 235 35.40 55.80 14.09
CA ASN B 235 36.53 55.60 14.97
C ASN B 235 37.28 54.34 14.56
N THR B 236 38.60 54.38 14.70
CA THR B 236 39.46 53.26 14.32
C THR B 236 39.42 52.11 15.31
N ASP B 237 38.71 52.25 16.43
CA ASP B 237 38.63 51.21 17.43
C ASP B 237 37.27 50.52 17.34
N PRO B 238 37.15 49.39 16.64
CA PRO B 238 35.82 48.76 16.50
C PRO B 238 35.23 48.30 17.81
N TYR B 239 36.04 47.80 18.74
CA TYR B 239 35.49 47.38 20.03
C TYR B 239 34.80 48.54 20.73
N LYS B 240 35.36 49.74 20.62
CA LYS B 240 34.71 50.92 21.20
C LYS B 240 33.36 51.16 20.54
N ARG B 241 33.32 51.13 19.21
CA ARG B 241 32.06 51.29 18.49
C ARG B 241 31.05 50.24 18.94
N ALA B 242 31.47 48.98 19.00
CA ALA B 242 30.54 47.90 19.34
C ALA B 242 29.92 48.14 20.71
N VAL B 243 30.75 48.36 21.72
CA VAL B 243 30.21 48.52 23.08
C VAL B 243 29.20 49.66 23.13
N TYR B 244 29.52 50.79 22.49
CA TYR B 244 28.67 51.97 22.61
C TYR B 244 27.25 51.69 22.13
N CYS B 245 27.10 51.11 20.94
CA CYS B 245 25.77 50.87 20.39
C CYS B 245 25.17 49.56 20.86
N ILE B 246 25.90 48.77 21.66
CA ILE B 246 25.24 47.74 22.45
C ILE B 246 24.62 48.36 23.69
N ILE B 247 25.30 49.37 24.26
CA ILE B 247 24.79 50.07 25.42
C ILE B 247 23.73 51.08 25.02
N GLY B 248 23.92 51.74 23.88
CA GLY B 248 23.00 52.75 23.41
C GLY B 248 21.95 52.26 22.44
N ARG B 249 21.99 50.98 22.07
CA ARG B 249 21.02 50.38 21.16
C ARG B 249 20.87 51.25 19.91
N CYS B 250 22.00 51.64 19.34
CA CYS B 250 22.04 52.53 18.19
C CYS B 250 22.68 51.83 17.00
N ASP B 251 22.65 52.53 15.85
CA ASP B 251 23.27 52.05 14.62
C ASP B 251 22.84 50.61 14.35
N VAL B 252 21.52 50.39 14.39
CA VAL B 252 21.00 49.03 14.25
C VAL B 252 21.43 48.41 12.94
N THR B 253 21.64 49.23 11.90
CA THR B 253 22.04 48.69 10.61
C THR B 253 23.49 48.21 10.64
N ASP B 254 24.36 48.92 11.36
CA ASP B 254 25.76 48.55 11.45
C ASP B 254 25.88 47.27 12.29
N ASN B 255 26.22 46.16 11.64
CA ASN B 255 26.36 44.87 12.31
C ASN B 255 27.70 44.72 13.02
N GLN B 256 28.50 45.79 13.09
CA GLN B 256 29.80 45.74 13.77
C GLN B 256 30.59 44.54 13.28
N SER B 257 30.51 44.27 11.98
CA SER B 257 31.06 43.04 11.43
C SER B 257 32.54 42.85 11.71
N GLU B 258 33.25 43.91 12.12
CA GLU B 258 34.66 43.75 12.44
C GLU B 258 34.84 42.87 13.67
N VAL B 259 33.95 43.00 14.66
CA VAL B 259 34.04 42.23 15.89
C VAL B 259 32.98 41.14 15.98
N ALA B 260 31.80 41.34 15.38
CA ALA B 260 30.76 40.32 15.35
C ALA B 260 30.80 39.66 13.97
N ASP B 261 31.79 38.79 13.80
CA ASP B 261 31.97 38.09 12.54
C ASP B 261 31.28 36.74 12.50
N LYS B 262 30.98 36.16 13.65
CA LYS B 262 30.29 34.88 13.71
C LYS B 262 28.78 35.10 13.67
N THR B 263 28.04 34.01 13.44
CA THR B 263 26.59 34.13 13.40
C THR B 263 26.02 34.39 14.79
N GLU B 264 26.51 33.65 15.79
CA GLU B 264 26.05 33.89 17.16
C GLU B 264 26.39 35.31 17.61
N ASP B 265 27.55 35.81 17.21
CA ASP B 265 27.90 37.20 17.54
C ASP B 265 26.92 38.17 16.89
N TYR B 266 26.37 37.81 15.73
CA TYR B 266 25.38 38.67 15.08
C TYR B 266 24.05 38.63 15.84
N LEU B 267 23.50 37.43 16.02
CA LEU B 267 22.29 37.29 16.82
C LEU B 267 22.43 38.02 18.15
N TRP B 268 23.51 37.71 18.89
CA TRP B 268 23.71 38.33 20.19
C TRP B 268 23.82 39.84 20.06
N LEU B 269 24.48 40.32 19.00
CA LEU B 269 24.61 41.76 18.83
C LEU B 269 23.24 42.41 18.64
N LYS B 270 22.33 41.73 17.96
CA LYS B 270 21.04 42.34 17.64
C LYS B 270 20.04 42.20 18.78
N LEU B 271 19.94 41.01 19.38
CA LEU B 271 19.00 40.83 20.47
C LEU B 271 19.29 41.77 21.64
N ASN B 272 20.54 42.24 21.77
CA ASN B 272 20.83 43.29 22.75
C ASN B 272 20.47 44.67 22.23
N GLN B 273 19.91 44.78 21.03
CA GLN B 273 19.50 46.05 20.46
C GLN B 273 18.01 46.14 20.19
N VAL B 274 17.29 45.01 20.20
CA VAL B 274 15.86 45.04 19.93
C VAL B 274 15.16 45.96 20.93
N CYS B 275 13.99 46.46 20.54
CA CYS B 275 13.20 47.36 21.35
C CYS B 275 11.75 46.91 21.32
N PHE B 276 10.96 47.43 22.25
CA PHE B 276 9.54 47.18 22.32
C PHE B 276 8.80 48.50 22.44
N ASP B 277 7.69 48.60 21.73
CA ASP B 277 6.90 49.84 21.63
C ASP B 277 7.07 50.79 22.80
N PRO B 284 11.21 56.45 16.22
CA PRO B 284 10.73 55.45 15.26
C PRO B 284 11.82 55.01 14.28
N GLN B 285 12.83 55.85 14.10
CA GLN B 285 13.97 55.57 13.24
C GLN B 285 15.19 55.24 14.10
N ASP B 286 16.09 54.45 13.52
CA ASP B 286 17.26 53.94 14.24
C ASP B 286 16.83 53.08 15.44
N ARG B 287 15.78 52.29 15.22
CA ARG B 287 15.24 51.38 16.22
C ARG B 287 14.82 50.09 15.54
N LEU B 288 15.03 48.97 16.23
CA LEU B 288 14.72 47.65 15.70
C LEU B 288 13.90 46.89 16.73
N THR B 289 12.87 46.19 16.25
CA THR B 289 12.01 45.38 17.10
C THR B 289 12.14 43.92 16.72
N LEU B 290 11.72 43.04 17.62
CA LEU B 290 11.81 41.61 17.37
C LEU B 290 11.09 41.23 16.08
N SER B 291 9.93 41.83 15.84
CA SER B 291 9.18 41.52 14.63
C SER B 291 9.98 41.86 13.38
N GLN B 292 10.55 43.06 13.32
CA GLN B 292 11.38 43.45 12.19
C GLN B 292 12.55 42.49 12.03
N PHE B 293 13.29 42.25 13.12
CA PHE B 293 14.43 41.34 13.08
C PHE B 293 13.97 39.94 12.67
N GLN B 294 12.86 39.46 13.25
CA GLN B 294 12.36 38.14 12.91
C GLN B 294 12.04 38.04 11.41
N LYS B 295 11.44 39.08 10.85
CA LYS B 295 11.10 39.06 9.44
C LYS B 295 12.36 39.19 8.57
N GLN B 296 13.24 40.12 8.91
CA GLN B 296 14.47 40.27 8.13
C GLN B 296 15.20 38.94 8.01
N LEU B 297 15.19 38.15 9.08
CA LEU B 297 15.91 36.88 9.06
C LEU B 297 15.21 35.87 8.16
N LEU B 298 13.94 35.59 8.44
CA LEU B 298 13.27 34.52 7.72
C LEU B 298 12.70 34.97 6.39
N GLU B 299 12.21 36.22 6.31
CA GLU B 299 11.63 36.71 5.07
C GLU B 299 12.69 37.08 4.04
N ASP B 300 13.65 37.91 4.43
CA ASP B 300 14.63 38.44 3.47
C ASP B 300 15.77 37.46 3.23
N TYR B 301 16.35 36.89 4.30
CA TYR B 301 17.49 35.98 4.19
C TYR B 301 17.01 34.57 4.55
N GLY B 302 16.33 33.92 3.61
CA GLY B 302 15.72 32.64 3.87
C GLY B 302 16.67 31.48 4.10
N GLU B 303 16.14 30.25 3.94
CA GLU B 303 16.96 29.05 4.10
C GLU B 303 18.30 29.20 3.38
N SER B 304 18.27 29.71 2.15
CA SER B 304 19.45 29.79 1.30
C SER B 304 20.65 30.41 1.99
N HIS B 305 20.45 31.54 2.69
CA HIS B 305 21.60 32.28 3.19
C HIS B 305 22.34 31.51 4.28
N PHE B 306 21.62 30.86 5.19
CA PHE B 306 22.24 30.22 6.34
C PHE B 306 22.47 28.73 6.17
N THR B 307 22.12 28.16 5.00
CA THR B 307 22.34 26.74 4.76
C THR B 307 23.07 26.49 3.44
N VAL B 308 23.71 27.51 2.88
CA VAL B 308 24.43 27.30 1.62
C VAL B 308 25.60 26.36 1.83
N ASN B 309 26.20 26.39 3.01
CA ASN B 309 27.24 25.45 3.42
C ASN B 309 26.65 24.10 3.82
N GLN B 310 25.37 23.86 3.52
CA GLN B 310 24.66 22.65 3.94
C GLN B 310 24.97 22.32 5.39
N GLN B 311 24.75 23.31 6.26
CA GLN B 311 24.93 23.17 7.71
C GLN B 311 23.61 23.56 8.36
N PRO B 312 22.77 22.59 8.77
CA PRO B 312 21.38 22.93 9.11
C PRO B 312 21.21 23.60 10.45
N PHE B 313 21.95 23.16 11.46
CA PHE B 313 21.74 23.68 12.81
C PHE B 313 21.97 25.18 12.88
N LEU B 314 22.88 25.72 12.07
CA LEU B 314 23.10 27.16 12.07
C LEU B 314 21.80 27.90 11.81
N TYR B 315 21.04 27.47 10.80
CA TYR B 315 19.77 28.12 10.50
C TYR B 315 18.73 27.83 11.58
N PHE B 316 18.67 26.59 12.05
CA PHE B 316 17.75 26.24 13.13
C PHE B 316 17.99 27.14 14.34
N GLN B 317 19.25 27.25 14.75
CA GLN B 317 19.61 28.13 15.86
C GLN B 317 19.23 29.57 15.58
N VAL B 318 19.29 29.98 14.30
CA VAL B 318 18.92 31.36 13.98
C VAL B 318 17.44 31.58 14.23
N LEU B 319 16.60 30.60 13.88
CA LEU B 319 15.16 30.73 14.05
C LEU B 319 14.73 30.49 15.49
N PHE B 320 15.33 29.50 16.15
CA PHE B 320 14.86 29.12 17.49
C PHE B 320 15.20 30.20 18.51
N LEU B 321 16.39 30.79 18.41
CA LEU B 321 16.79 31.87 19.32
C LEU B 321 16.15 33.20 18.96
N THR B 322 15.22 33.22 18.01
CA THR B 322 14.43 34.41 17.70
C THR B 322 12.94 34.18 17.94
N ALA B 323 12.58 33.08 18.60
CA ALA B 323 11.21 32.73 18.96
C ALA B 323 10.41 32.22 17.77
N GLN B 324 11.04 32.00 16.62
CA GLN B 324 10.34 31.49 15.44
C GLN B 324 10.38 29.96 15.46
N PHE B 325 9.61 29.41 16.40
CA PHE B 325 9.69 27.96 16.67
C PHE B 325 9.03 27.15 15.56
N GLU B 326 7.94 27.65 14.99
CA GLU B 326 7.26 26.91 13.93
C GLU B 326 8.14 26.82 12.69
N ALA B 327 8.74 27.93 12.29
CA ALA B 327 9.69 27.91 11.18
C ALA B 327 10.82 26.91 11.47
N ALA B 328 11.48 27.05 12.62
CA ALA B 328 12.59 26.18 12.95
C ALA B 328 12.18 24.71 12.99
N VAL B 329 10.95 24.42 13.42
CA VAL B 329 10.51 23.03 13.51
C VAL B 329 10.29 22.46 12.12
N ALA B 330 9.51 23.17 11.30
CA ALA B 330 9.26 22.72 9.93
C ALA B 330 10.56 22.59 9.15
N PHE B 331 11.38 23.63 9.17
CA PHE B 331 12.68 23.59 8.49
C PHE B 331 13.44 22.31 8.83
N LEU B 332 13.72 22.10 10.12
CA LEU B 332 14.48 20.92 10.53
C LEU B 332 13.71 19.62 10.29
N PHE B 333 12.38 19.69 10.14
CA PHE B 333 11.61 18.48 9.92
C PHE B 333 11.79 17.94 8.50
N ARG B 334 12.31 18.76 7.57
CA ARG B 334 12.50 18.33 6.20
C ARG B 334 13.83 17.60 6.00
N MET B 335 14.86 17.93 6.80
CA MET B 335 16.13 17.20 6.73
C MET B 335 15.90 15.76 7.13
N GLU B 336 15.96 14.84 6.15
CA GLU B 336 15.58 13.46 6.42
C GLU B 336 16.42 12.81 7.52
N ARG B 337 17.60 13.36 7.82
CA ARG B 337 18.42 12.80 8.89
C ARG B 337 18.08 13.37 10.26
N LEU B 338 17.39 14.50 10.32
CA LEU B 338 17.07 15.17 11.58
C LEU B 338 15.57 15.30 11.78
N ARG B 339 14.80 14.41 11.15
CA ARG B 339 13.35 14.47 11.25
C ARG B 339 12.90 14.24 12.69
N CYS B 340 13.31 13.12 13.29
CA CYS B 340 12.91 12.84 14.66
C CYS B 340 13.14 14.05 15.55
N HIS B 341 14.34 14.64 15.48
CA HIS B 341 14.67 15.74 16.37
C HIS B 341 13.70 16.90 16.21
N ALA B 342 13.20 17.11 14.99
CA ALA B 342 12.24 18.18 14.78
C ALA B 342 10.84 17.80 15.27
N VAL B 343 10.49 16.52 15.18
CA VAL B 343 9.17 16.08 15.64
C VAL B 343 9.05 16.28 17.14
N HIS B 344 10.07 15.88 17.89
CA HIS B 344 9.97 15.96 19.34
C HIS B 344 10.01 17.40 19.83
N VAL B 345 10.93 18.21 19.28
CA VAL B 345 10.93 19.63 19.63
C VAL B 345 9.58 20.27 19.32
N ALA B 346 8.77 19.66 18.46
CA ALA B 346 7.39 20.11 18.29
C ALA B 346 6.52 19.65 19.45
N LEU B 347 6.67 18.39 19.86
CA LEU B 347 5.89 17.87 20.98
C LEU B 347 6.16 18.68 22.25
N VAL B 348 7.43 18.94 22.53
CA VAL B 348 7.77 19.74 23.71
C VAL B 348 7.05 21.08 23.66
N LEU B 349 7.18 21.80 22.55
CA LEU B 349 6.47 23.07 22.41
C LEU B 349 4.96 22.89 22.47
N PHE B 350 4.47 21.69 22.18
CA PHE B 350 3.04 21.40 22.24
C PHE B 350 2.59 21.01 23.64
N GLU B 351 3.41 20.22 24.34
CA GLU B 351 3.15 19.90 25.73
C GLU B 351 3.56 21.02 26.68
N LEU B 352 4.03 22.14 26.15
CA LEU B 352 4.27 23.34 26.95
C LEU B 352 3.37 24.49 26.52
N LYS B 353 2.34 24.21 25.73
CA LYS B 353 1.38 25.23 25.28
C LYS B 353 2.08 26.43 24.65
N LEU B 354 3.19 26.17 23.96
CA LEU B 354 3.92 27.21 23.23
C LEU B 354 3.84 27.06 21.71
N LEU B 355 3.50 25.88 21.22
CA LEU B 355 3.38 25.67 19.77
C LEU B 355 2.03 26.16 19.28
N LEU B 356 2.05 26.86 18.14
CA LEU B 356 0.85 27.43 17.54
C LEU B 356 0.35 26.46 16.47
N LYS B 357 -0.70 25.71 16.80
CA LYS B 357 -1.24 24.72 15.88
C LYS B 357 -2.04 25.38 14.78
N SER B 358 -2.07 24.74 13.61
CA SER B 358 -2.86 25.22 12.47
C SER B 358 -4.24 24.59 12.54
N SER B 359 -5.28 25.44 12.60
CA SER B 359 -6.64 24.94 12.72
C SER B 359 -6.96 23.96 11.61
N GLY B 360 -6.86 24.40 10.35
CA GLY B 360 -7.18 23.53 9.24
C GLY B 360 -6.13 22.44 9.05
N GLN B 361 -6.60 21.21 8.84
CA GLN B 361 -5.72 20.08 8.55
C GLN B 361 -5.42 19.95 7.07
N SER B 362 -6.03 20.77 6.22
CA SER B 362 -5.73 20.79 4.80
C SER B 362 -4.59 21.73 4.45
N ALA B 363 -4.06 22.45 5.44
CA ALA B 363 -3.00 23.41 5.19
C ALA B 363 -1.66 22.72 5.10
N GLN B 364 -0.65 23.50 4.68
CA GLN B 364 0.71 23.04 4.58
C GLN B 364 1.35 23.00 5.97
N LEU B 365 2.56 22.46 6.04
CA LEU B 365 3.25 22.36 7.33
C LEU B 365 3.40 23.73 7.98
N LEU B 366 3.71 24.76 7.19
CA LEU B 366 3.95 26.10 7.70
C LEU B 366 3.06 27.07 6.93
N SER B 367 2.39 27.96 7.67
CA SER B 367 1.42 28.87 7.06
C SER B 367 1.12 29.98 8.06
N HIS B 368 0.45 31.02 7.57
CA HIS B 368 0.02 32.14 8.39
C HIS B 368 -1.50 32.21 8.35
N GLU B 369 -2.13 31.95 9.50
CA GLU B 369 -3.59 32.03 9.63
C GLU B 369 -4.05 33.41 9.17
N PRO B 370 -5.23 33.52 8.58
CA PRO B 370 -5.69 34.86 8.16
C PRO B 370 -5.95 35.79 9.33
N GLY B 371 -6.38 35.26 10.48
CA GLY B 371 -6.72 36.08 11.63
C GLY B 371 -5.67 36.14 12.71
N ASP B 372 -4.40 36.09 12.33
CA ASP B 372 -3.29 36.13 13.26
C ASP B 372 -2.35 37.30 12.93
N PRO B 373 -1.49 37.69 13.86
CA PRO B 373 -0.52 38.75 13.56
C PRO B 373 0.40 38.32 12.42
N PRO B 374 0.92 39.28 11.66
CA PRO B 374 1.73 38.91 10.48
C PRO B 374 3.08 38.32 10.82
N CYS B 375 3.64 38.59 12.00
CA CYS B 375 4.99 38.14 12.33
C CYS B 375 5.03 36.73 12.88
N LEU B 376 3.88 36.10 13.10
CA LEU B 376 3.81 34.73 13.61
C LEU B 376 3.38 33.76 12.52
N ARG B 377 3.82 32.51 12.67
CA ARG B 377 3.52 31.45 11.73
C ARG B 377 2.91 30.29 12.50
N ARG B 378 2.25 29.39 11.75
CA ARG B 378 1.49 28.29 12.32
C ARG B 378 1.93 26.97 11.72
N LEU B 379 1.96 25.93 12.55
CA LEU B 379 2.44 24.61 12.17
C LEU B 379 1.26 23.64 12.11
N ASN B 380 1.16 22.92 10.99
CA ASN B 380 0.13 21.89 10.84
C ASN B 380 0.57 20.68 11.64
N PHE B 381 0.31 20.76 12.95
CA PHE B 381 0.78 19.72 13.88
C PHE B 381 0.22 18.35 13.52
N VAL B 382 -1.03 18.29 13.08
CA VAL B 382 -1.64 16.99 12.78
C VAL B 382 -0.88 16.30 11.66
N ARG B 383 -0.65 17.02 10.56
CA ARG B 383 0.11 16.45 9.45
C ARG B 383 1.51 16.04 9.92
N LEU B 384 2.18 16.92 10.67
CA LEU B 384 3.54 16.65 11.13
C LEU B 384 3.67 15.24 11.69
N LEU B 385 2.86 14.91 12.69
CA LEU B 385 2.94 13.58 13.29
C LEU B 385 2.49 12.51 12.29
N MET B 386 1.49 12.82 11.46
CA MET B 386 0.98 11.83 10.52
C MET B 386 2.06 11.37 9.57
N LEU B 387 2.94 12.27 9.15
CA LEU B 387 4.03 11.90 8.26
C LEU B 387 5.05 11.02 8.99
N TYR B 388 5.56 11.50 10.13
CA TYR B 388 6.56 10.76 10.88
C TYR B 388 6.11 9.33 11.16
N THR B 389 4.81 9.14 11.42
CA THR B 389 4.32 7.82 11.80
C THR B 389 4.32 6.86 10.61
N ARG B 390 3.99 7.36 9.42
CA ARG B 390 3.80 6.50 8.25
C ARG B 390 5.01 5.62 7.98
N LYS B 391 6.21 6.09 8.32
CA LYS B 391 7.41 5.28 8.12
C LYS B 391 7.27 3.94 8.83
N PHE B 392 7.00 3.99 10.12
CA PHE B 392 6.95 2.79 10.97
C PHE B 392 5.55 2.46 11.50
N GLU B 393 4.48 3.06 10.95
CA GLU B 393 3.16 2.68 11.42
C GLU B 393 2.80 1.29 10.88
N SER B 394 3.47 0.87 9.79
CA SER B 394 3.24 -0.43 9.19
C SER B 394 3.86 -1.58 10.02
N THR B 395 5.12 -1.41 10.47
CA THR B 395 5.82 -2.50 11.17
C THR B 395 6.12 -2.25 12.65
N ASP B 396 5.74 -1.11 13.20
CA ASP B 396 5.88 -0.84 14.63
C ASP B 396 4.62 -0.14 15.14
N PRO B 397 3.48 -0.84 15.12
CA PRO B 397 2.25 -0.17 15.56
C PRO B 397 2.36 0.35 16.99
N ARG B 398 2.97 -0.45 17.86
CA ARG B 398 3.08 -0.07 19.27
C ARG B 398 3.65 1.34 19.43
N GLU B 399 4.79 1.60 18.77
CA GLU B 399 5.42 2.91 18.85
C GLU B 399 4.58 3.99 18.16
N ALA B 400 3.87 3.62 17.10
CA ALA B 400 3.01 4.57 16.41
C ALA B 400 1.93 5.10 17.35
N LEU B 401 1.26 4.19 18.07
CA LEU B 401 0.20 4.60 18.98
C LEU B 401 0.70 5.65 19.96
N GLN B 402 1.92 5.49 20.47
CA GLN B 402 2.46 6.46 21.42
C GLN B 402 2.42 7.87 20.85
N TYR B 403 2.68 8.02 19.55
CA TYR B 403 2.69 9.34 18.95
C TYR B 403 1.30 9.80 18.55
N PHE B 404 0.42 8.87 18.15
CA PHE B 404 -0.96 9.24 17.88
C PHE B 404 -1.65 9.79 19.11
N TYR B 405 -1.17 9.43 20.31
CA TYR B 405 -1.87 9.83 21.52
C TYR B 405 -1.92 11.35 21.65
N PHE B 406 -0.83 12.03 21.29
CA PHE B 406 -0.82 13.49 21.39
C PHE B 406 -1.95 14.12 20.60
N LEU B 407 -2.52 13.41 19.64
CA LEU B 407 -3.64 13.90 18.87
C LEU B 407 -4.99 13.59 19.52
N ARG B 408 -4.99 13.01 20.71
CA ARG B 408 -6.25 12.72 21.39
C ARG B 408 -7.08 13.99 21.59
N ASP B 409 -6.41 15.11 21.82
CA ASP B 409 -7.08 16.37 22.13
C ASP B 409 -7.58 17.09 20.89
N GLU B 410 -7.34 16.56 19.70
CA GLU B 410 -7.70 17.23 18.45
C GLU B 410 -8.79 16.46 17.72
N LYS B 411 -9.58 17.20 16.95
CA LYS B 411 -10.62 16.64 16.10
C LYS B 411 -10.36 17.08 14.66
N ASP B 412 -11.19 16.59 13.74
CA ASP B 412 -11.11 16.93 12.34
C ASP B 412 -12.39 17.64 11.91
N SER B 413 -12.51 17.90 10.61
CA SER B 413 -13.65 18.64 10.10
C SER B 413 -14.96 17.90 10.36
N GLN B 414 -14.92 16.58 10.46
CA GLN B 414 -16.12 15.78 10.66
C GLN B 414 -16.45 15.53 12.12
N GLY B 415 -15.57 15.91 13.05
CA GLY B 415 -15.82 15.82 14.46
C GLY B 415 -15.18 14.63 15.16
N GLU B 416 -14.79 13.60 14.40
CA GLU B 416 -14.17 12.43 15.00
C GLU B 416 -12.93 12.82 15.79
N ASN B 417 -12.64 12.05 16.83
CA ASN B 417 -11.44 12.25 17.64
C ASN B 417 -10.23 11.72 16.87
N MET B 418 -9.24 12.58 16.67
CA MET B 418 -8.12 12.25 15.79
C MET B 418 -7.40 11.00 16.24
N PHE B 419 -7.23 10.83 17.55
CA PHE B 419 -6.57 9.62 18.04
C PHE B 419 -7.37 8.38 17.63
N LEU B 420 -8.69 8.42 17.79
CA LEU B 420 -9.52 7.28 17.43
C LEU B 420 -9.37 6.96 15.95
N ARG B 421 -9.42 7.98 15.09
CA ARG B 421 -9.29 7.73 13.65
C ARG B 421 -7.93 7.15 13.31
N CYS B 422 -6.86 7.68 13.91
CA CYS B 422 -5.53 7.17 13.62
C CYS B 422 -5.38 5.72 14.06
N VAL B 423 -6.09 5.30 15.11
CA VAL B 423 -6.03 3.90 15.51
C VAL B 423 -6.88 3.06 14.56
N SER B 424 -7.98 3.60 14.04
CA SER B 424 -8.77 2.87 13.06
C SER B 424 -7.97 2.66 11.78
N GLU B 425 -7.43 3.74 11.21
CA GLU B 425 -6.65 3.64 9.99
C GLU B 425 -5.46 2.71 10.17
N LEU B 426 -4.82 2.73 11.34
CA LEU B 426 -3.65 1.89 11.56
C LEU B 426 -4.03 0.42 11.66
N VAL B 427 -5.26 0.12 12.08
CA VAL B 427 -5.68 -1.28 12.17
C VAL B 427 -6.17 -1.80 10.83
N ILE B 428 -6.87 -0.95 10.07
CA ILE B 428 -7.34 -1.35 8.74
C ILE B 428 -6.15 -1.72 7.86
N GLU B 429 -5.07 -0.95 7.94
CA GLU B 429 -3.91 -1.20 7.10
C GLU B 429 -3.09 -2.39 7.62
N SER B 430 -2.69 -2.36 8.89
CA SER B 430 -1.82 -3.39 9.42
C SER B 430 -2.52 -4.72 9.59
N ARG B 431 -3.86 -4.72 9.72
CA ARG B 431 -4.63 -5.92 9.97
C ARG B 431 -4.18 -6.62 11.26
N GLU B 432 -3.75 -5.83 12.24
CA GLU B 432 -3.30 -6.35 13.53
C GLU B 432 -4.43 -6.17 14.53
N PHE B 433 -5.42 -7.07 14.45
CA PHE B 433 -6.60 -6.94 15.27
C PHE B 433 -6.36 -7.45 16.69
N ASP B 434 -5.86 -8.68 16.81
CA ASP B 434 -5.62 -9.25 18.13
C ASP B 434 -4.68 -8.40 18.95
N MET B 435 -3.62 -7.88 18.32
CA MET B 435 -2.60 -7.14 19.05
C MET B 435 -3.12 -5.77 19.48
N ILE B 436 -3.71 -5.02 18.55
CA ILE B 436 -4.02 -3.62 18.81
C ILE B 436 -5.42 -3.45 19.40
N LEU B 437 -6.36 -4.34 19.07
CA LEU B 437 -7.72 -4.22 19.56
C LEU B 437 -8.07 -5.22 20.66
N GLY B 438 -7.29 -6.28 20.83
CA GLY B 438 -7.59 -7.27 21.83
C GLY B 438 -8.35 -8.47 21.31
N LYS B 439 -7.80 -9.66 21.53
CA LYS B 439 -8.40 -10.90 21.05
C LYS B 439 -9.48 -11.36 22.02
N LEU B 440 -10.69 -11.54 21.51
CA LEU B 440 -11.79 -12.13 22.27
C LEU B 440 -11.85 -13.61 21.90
N GLU B 441 -11.32 -14.46 22.76
CA GLU B 441 -11.28 -15.89 22.47
C GLU B 441 -12.71 -16.43 22.31
N ASN B 442 -12.81 -17.66 21.81
CA ASN B 442 -14.09 -18.31 21.58
C ASN B 442 -14.66 -18.95 22.84
N ASP B 443 -14.10 -18.66 24.01
CA ASP B 443 -14.61 -19.15 25.28
C ASP B 443 -15.40 -18.10 26.05
N GLY B 444 -15.43 -16.86 25.56
CA GLY B 444 -16.12 -15.78 26.25
C GLY B 444 -15.23 -14.81 26.97
N SER B 445 -13.91 -14.92 26.81
CA SER B 445 -12.96 -14.03 27.44
C SER B 445 -12.52 -12.95 26.44
N ARG B 446 -12.09 -11.81 26.98
CA ARG B 446 -11.60 -10.70 26.18
C ARG B 446 -10.24 -10.28 26.71
N LYS B 447 -9.19 -10.89 26.17
CA LYS B 447 -7.82 -10.51 26.54
C LYS B 447 -7.57 -9.08 26.05
N PRO B 448 -7.33 -8.12 26.95
CA PRO B 448 -7.25 -6.73 26.51
C PRO B 448 -6.13 -6.51 25.50
N GLY B 449 -6.32 -5.49 24.66
CA GLY B 449 -5.36 -5.13 23.64
C GLY B 449 -4.59 -3.88 23.99
N VAL B 450 -3.78 -3.43 23.02
CA VAL B 450 -2.92 -2.28 23.25
C VAL B 450 -3.74 -1.00 23.38
N ILE B 451 -4.90 -0.93 22.72
CA ILE B 451 -5.69 0.28 22.82
C ILE B 451 -6.33 0.39 24.20
N ASP B 452 -6.58 -0.75 24.85
CA ASP B 452 -7.14 -0.71 26.20
C ASP B 452 -6.24 0.07 27.15
N LYS B 453 -4.93 0.09 26.86
CA LYS B 453 -3.99 0.82 27.71
C LYS B 453 -4.25 2.32 27.67
N PHE B 454 -4.66 2.84 26.51
CA PHE B 454 -4.78 4.29 26.34
C PHE B 454 -6.17 4.80 26.69
N THR B 455 -7.21 4.00 26.47
CA THR B 455 -8.57 4.36 26.84
C THR B 455 -9.31 3.09 27.20
N SER B 456 -10.17 3.18 28.22
CA SER B 456 -10.97 2.04 28.64
C SER B 456 -12.27 1.94 27.85
N ASP B 457 -12.70 3.01 27.18
CA ASP B 457 -13.90 2.99 26.34
C ASP B 457 -13.46 2.61 24.94
N THR B 458 -13.34 1.31 24.72
CA THR B 458 -12.85 0.74 23.47
C THR B 458 -13.98 0.19 22.60
N LYS B 459 -15.21 0.57 22.90
CA LYS B 459 -16.34 0.09 22.11
C LYS B 459 -16.47 0.80 20.76
N PRO B 460 -16.10 2.08 20.64
CA PRO B 460 -16.42 2.77 19.38
C PRO B 460 -15.54 2.40 18.20
N ILE B 461 -14.22 2.44 18.36
CA ILE B 461 -13.34 2.20 17.21
C ILE B 461 -13.49 0.76 16.73
N ILE B 462 -13.65 -0.19 17.65
CA ILE B 462 -13.83 -1.57 17.23
C ILE B 462 -15.04 -1.69 16.31
N ASN B 463 -16.04 -0.83 16.50
CA ASN B 463 -17.14 -0.78 15.56
C ASN B 463 -16.73 -0.08 14.27
N LYS B 464 -15.92 0.99 14.38
CA LYS B 464 -15.37 1.63 13.20
C LYS B 464 -14.60 0.63 12.35
N VAL B 465 -13.66 -0.09 12.96
CA VAL B 465 -12.90 -1.11 12.25
C VAL B 465 -13.84 -2.18 11.71
N ALA B 466 -14.80 -2.63 12.53
CA ALA B 466 -15.77 -3.59 12.04
C ALA B 466 -16.62 -3.01 10.93
N SER B 467 -16.88 -1.69 10.98
CA SER B 467 -17.79 -1.08 10.02
C SER B 467 -17.20 -1.08 8.61
N VAL B 468 -15.93 -0.69 8.48
CA VAL B 468 -15.32 -0.68 7.15
C VAL B 468 -15.25 -2.09 6.59
N ALA B 469 -14.70 -3.03 7.37
CA ALA B 469 -14.61 -4.40 6.91
C ALA B 469 -15.99 -4.93 6.49
N GLU B 470 -17.05 -4.40 7.09
CA GLU B 470 -18.39 -4.76 6.63
C GLU B 470 -18.68 -4.16 5.26
N ASN B 471 -18.29 -2.89 5.04
CA ASN B 471 -18.48 -2.25 3.75
C ASN B 471 -17.63 -2.88 2.66
N LYS B 472 -16.65 -3.71 3.02
CA LYS B 472 -15.82 -4.43 2.05
C LYS B 472 -16.20 -5.91 1.98
N GLY B 473 -17.47 -6.21 2.21
CA GLY B 473 -17.97 -7.57 2.07
C GLY B 473 -17.24 -8.60 2.93
N LEU B 474 -16.41 -8.13 3.86
CA LEU B 474 -15.70 -9.02 4.78
C LEU B 474 -16.56 -9.27 6.01
N PHE B 475 -17.72 -9.88 5.75
CA PHE B 475 -18.70 -10.07 6.81
C PHE B 475 -18.15 -10.99 7.91
N GLU B 476 -17.51 -12.08 7.52
CA GLU B 476 -17.00 -13.02 8.52
C GLU B 476 -16.01 -12.34 9.46
N GLU B 477 -15.27 -11.34 8.98
CA GLU B 477 -14.40 -10.58 9.87
C GLU B 477 -15.18 -9.52 10.64
N ALA B 478 -16.00 -8.74 9.95
CA ALA B 478 -16.81 -7.73 10.63
C ALA B 478 -17.62 -8.33 11.77
N ALA B 479 -18.01 -9.60 11.64
CA ALA B 479 -18.73 -10.27 12.72
C ALA B 479 -17.83 -10.47 13.94
N LYS B 480 -16.64 -11.05 13.71
CA LYS B 480 -15.70 -11.20 14.82
C LYS B 480 -15.36 -9.86 15.44
N LEU B 481 -15.21 -8.82 14.62
CA LEU B 481 -14.88 -7.50 15.14
C LEU B 481 -16.07 -6.92 15.91
N TYR B 482 -17.25 -6.94 15.30
CA TYR B 482 -18.44 -6.48 16.02
C TYR B 482 -18.64 -7.29 17.29
N ASP B 483 -18.35 -8.59 17.24
CA ASP B 483 -18.47 -9.41 18.45
C ASP B 483 -17.45 -9.00 19.50
N LEU B 484 -16.32 -8.41 19.09
CA LEU B 484 -15.35 -7.92 20.05
C LEU B 484 -15.90 -6.73 20.84
N ALA B 485 -16.71 -5.89 20.19
CA ALA B 485 -17.31 -4.74 20.84
C ALA B 485 -18.69 -5.06 21.44
N LYS B 486 -19.02 -6.33 21.56
CA LYS B 486 -20.29 -6.76 22.14
C LYS B 486 -21.47 -6.02 21.52
N ASN B 487 -21.47 -5.95 20.20
CA ASN B 487 -22.55 -5.38 19.41
C ASN B 487 -23.30 -6.55 18.77
N ALA B 488 -24.23 -7.14 19.53
CA ALA B 488 -24.92 -8.32 19.03
C ALA B 488 -25.91 -7.98 17.92
N ASP B 489 -26.40 -6.74 17.88
CA ASP B 489 -27.28 -6.33 16.79
C ASP B 489 -26.63 -6.58 15.44
N LYS B 490 -25.35 -6.25 15.32
CA LYS B 490 -24.63 -6.42 14.05
C LYS B 490 -24.04 -7.81 13.90
N VAL B 491 -23.54 -8.41 14.98
CA VAL B 491 -22.98 -9.75 14.89
C VAL B 491 -24.00 -10.71 14.28
N LEU B 492 -25.21 -10.72 14.84
CA LEU B 492 -26.22 -11.64 14.35
C LEU B 492 -26.72 -11.25 12.96
N GLU B 493 -26.79 -9.96 12.66
CA GLU B 493 -27.12 -9.52 11.31
C GLU B 493 -26.20 -10.17 10.28
N LEU B 494 -24.90 -9.93 10.43
CA LEU B 494 -23.94 -10.51 9.49
C LEU B 494 -24.01 -12.04 9.49
N MET B 495 -24.15 -12.64 10.67
CA MET B 495 -24.21 -14.09 10.73
C MET B 495 -25.45 -14.63 10.02
N ASN B 496 -26.50 -13.83 9.93
CA ASN B 496 -27.65 -14.23 9.11
C ASN B 496 -27.27 -14.25 7.64
N LYS B 497 -26.49 -13.26 7.20
CA LYS B 497 -26.12 -13.20 5.79
C LYS B 497 -25.20 -14.35 5.41
N LEU B 498 -24.25 -14.69 6.27
CA LEU B 498 -23.32 -15.77 5.93
C LEU B 498 -23.96 -17.15 6.02
N LEU B 499 -25.06 -17.29 6.73
CA LEU B 499 -25.67 -18.60 6.94
C LEU B 499 -26.70 -18.91 5.86
N SER B 500 -27.58 -17.96 5.54
CA SER B 500 -28.64 -18.21 4.58
C SER B 500 -28.15 -18.88 3.31
N PRO B 501 -27.05 -18.45 2.69
CA PRO B 501 -26.55 -19.15 1.49
C PRO B 501 -26.22 -20.61 1.75
N VAL B 502 -25.79 -20.95 2.96
CA VAL B 502 -25.25 -22.28 3.24
C VAL B 502 -26.23 -23.16 3.98
N VAL B 503 -27.45 -22.69 4.23
CA VAL B 503 -28.42 -23.45 5.02
C VAL B 503 -28.69 -24.79 4.35
N PRO B 504 -29.10 -24.83 3.09
CA PRO B 504 -29.41 -26.13 2.45
C PRO B 504 -28.19 -26.87 1.96
N GLN B 505 -27.01 -26.26 1.95
CA GLN B 505 -25.83 -26.89 1.39
C GLN B 505 -25.49 -28.15 2.18
N ILE B 506 -24.60 -28.95 1.60
CA ILE B 506 -24.15 -30.19 2.23
C ILE B 506 -22.99 -29.85 3.16
N SER B 507 -23.15 -30.15 4.45
CA SER B 507 -22.11 -29.89 5.43
C SER B 507 -21.07 -31.01 5.36
N ALA B 508 -19.90 -30.69 4.80
CA ALA B 508 -18.83 -31.66 4.64
C ALA B 508 -17.55 -31.17 5.32
N PRO B 509 -16.68 -32.09 5.74
CA PRO B 509 -15.46 -31.67 6.45
C PRO B 509 -14.74 -30.55 5.73
N GLN B 510 -14.32 -29.55 6.51
CA GLN B 510 -13.56 -28.40 6.04
C GLN B 510 -14.33 -27.51 5.07
N SER B 511 -15.63 -27.75 4.90
CA SER B 511 -16.42 -26.94 3.99
C SER B 511 -16.61 -25.53 4.54
N ASN B 512 -17.23 -24.68 3.73
CA ASN B 512 -17.63 -23.35 4.20
C ASN B 512 -18.85 -23.42 5.10
N LYS B 513 -19.58 -24.53 5.07
CA LYS B 513 -20.71 -24.71 5.97
C LYS B 513 -20.23 -24.97 7.39
N GLU B 514 -19.39 -25.98 7.57
CA GLU B 514 -18.85 -26.26 8.89
C GLU B 514 -18.18 -25.02 9.47
N ARG B 515 -17.33 -24.35 8.69
CA ARG B 515 -16.59 -23.21 9.22
C ARG B 515 -17.49 -22.06 9.61
N LEU B 516 -18.69 -21.96 9.05
CA LEU B 516 -19.65 -20.94 9.44
C LEU B 516 -20.67 -21.45 10.46
N LYS B 517 -21.14 -22.68 10.30
CA LYS B 517 -22.02 -23.28 11.30
C LYS B 517 -21.34 -23.32 12.66
N ASN B 518 -20.09 -23.78 12.68
CA ASN B 518 -19.37 -23.90 13.95
C ASN B 518 -19.13 -22.54 14.59
N MET B 519 -19.02 -21.48 13.79
CA MET B 519 -18.88 -20.15 14.37
C MET B 519 -20.22 -19.64 14.90
N ALA B 520 -21.32 -19.94 14.20
CA ALA B 520 -22.63 -19.50 14.67
C ALA B 520 -23.00 -20.19 15.98
N LEU B 521 -22.69 -21.48 16.11
CA LEU B 521 -22.99 -22.19 17.35
C LEU B 521 -22.09 -21.73 18.49
N SER B 522 -20.80 -21.50 18.20
CA SER B 522 -19.91 -20.95 19.21
C SER B 522 -20.34 -19.54 19.64
N ILE B 523 -21.11 -18.85 18.81
CA ILE B 523 -21.68 -17.57 19.19
C ILE B 523 -23.05 -17.73 19.85
N ALA B 524 -23.74 -18.84 19.58
CA ALA B 524 -25.00 -19.09 20.25
C ALA B 524 -24.78 -19.48 21.71
N GLU B 525 -23.82 -20.37 21.96
CA GLU B 525 -23.50 -20.74 23.33
C GLU B 525 -23.10 -19.52 24.15
N ARG B 526 -22.07 -18.79 23.69
CA ARG B 526 -21.61 -17.61 24.42
C ARG B 526 -22.70 -16.56 24.54
N TYR B 527 -23.71 -16.61 23.67
CA TYR B 527 -24.85 -15.71 23.77
C TYR B 527 -25.98 -16.27 24.62
N ARG B 528 -25.97 -17.58 24.88
CA ARG B 528 -26.96 -18.21 25.74
C ARG B 528 -26.53 -18.16 27.21
N ALA B 529 -25.28 -18.54 27.49
CA ALA B 529 -24.78 -18.46 28.85
C ALA B 529 -24.81 -17.03 29.38
N GLN B 530 -24.66 -16.05 28.51
CA GLN B 530 -24.67 -14.65 28.90
C GLN B 530 -26.02 -13.97 28.67
N GLY B 531 -27.02 -14.73 28.23
CA GLY B 531 -28.35 -14.18 28.06
C GLY B 531 -28.41 -12.88 27.30
N ILE B 532 -27.77 -12.83 26.14
CA ILE B 532 -27.79 -11.66 25.28
C ILE B 532 -28.51 -12.02 23.99
N SER B 533 -29.16 -11.03 23.39
CA SER B 533 -29.92 -11.25 22.17
C SER B 533 -30.19 -9.89 21.53
N ALA B 534 -30.25 -9.90 20.20
CA ALA B 534 -30.61 -8.71 19.44
C ALA B 534 -32.13 -8.59 19.34
N ASN B 535 -32.59 -7.58 18.60
CA ASN B 535 -34.01 -7.40 18.39
C ASN B 535 -34.63 -8.68 17.87
N LYS B 536 -35.93 -8.86 18.12
CA LYS B 536 -36.57 -10.14 17.85
C LYS B 536 -36.44 -10.53 16.39
N PHE B 537 -36.42 -9.55 15.48
CA PHE B 537 -36.26 -9.86 14.06
C PHE B 537 -34.92 -10.54 13.80
N VAL B 538 -33.83 -9.84 14.13
CA VAL B 538 -32.50 -10.41 13.89
C VAL B 538 -32.29 -11.68 14.70
N ASP B 539 -32.75 -11.70 15.95
CA ASP B 539 -32.45 -12.83 16.83
C ASP B 539 -33.26 -14.07 16.44
N SER B 540 -34.55 -13.90 16.17
CA SER B 540 -35.37 -15.03 15.75
C SER B 540 -34.80 -15.66 14.49
N THR B 541 -34.43 -14.82 13.51
CA THR B 541 -33.89 -15.36 12.26
C THR B 541 -32.59 -16.12 12.49
N PHE B 542 -31.76 -15.63 13.41
CA PHE B 542 -30.46 -16.26 13.62
C PHE B 542 -30.60 -17.66 14.19
N TYR B 543 -31.45 -17.82 15.22
CA TYR B 543 -31.66 -19.14 15.78
C TYR B 543 -32.52 -20.02 14.87
N LEU B 544 -33.33 -19.41 14.00
CA LEU B 544 -34.11 -20.21 13.06
C LEU B 544 -33.21 -20.85 12.01
N LEU B 545 -32.26 -20.09 11.47
CA LEU B 545 -31.31 -20.67 10.52
C LEU B 545 -30.54 -21.83 11.13
N LEU B 546 -30.12 -21.67 12.40
CA LEU B 546 -29.41 -22.74 13.07
C LEU B 546 -30.24 -24.01 13.14
N ASP B 547 -31.55 -23.87 13.36
CA ASP B 547 -32.43 -25.02 13.34
C ASP B 547 -32.50 -25.63 11.94
N LEU B 548 -32.65 -24.79 10.91
CA LEU B 548 -32.68 -25.29 9.55
C LEU B 548 -31.36 -25.99 9.21
N ILE B 549 -30.23 -25.37 9.57
CA ILE B 549 -28.93 -26.00 9.36
C ILE B 549 -28.91 -27.39 9.99
N THR B 550 -29.55 -27.52 11.16
CA THR B 550 -29.70 -28.82 11.78
C THR B 550 -30.65 -29.71 10.99
N PHE B 551 -31.67 -29.11 10.37
CA PHE B 551 -32.63 -29.89 9.60
C PHE B 551 -31.96 -30.51 8.37
N PHE B 552 -31.06 -29.77 7.72
CA PHE B 552 -30.38 -30.28 6.54
C PHE B 552 -29.21 -31.19 6.90
N ASP B 553 -28.55 -30.93 8.04
CA ASP B 553 -27.52 -31.85 8.50
C ASP B 553 -28.10 -33.21 8.83
N GLU B 554 -29.36 -33.25 9.30
CA GLU B 554 -30.02 -34.51 9.58
C GLU B 554 -30.59 -35.14 8.31
N TYR B 555 -31.09 -34.33 7.37
CA TYR B 555 -31.62 -34.88 6.12
C TYR B 555 -30.49 -35.41 5.23
N HIS B 556 -29.38 -34.67 5.15
CA HIS B 556 -28.26 -35.12 4.34
C HIS B 556 -27.56 -36.33 4.93
N SER B 557 -27.76 -36.63 6.20
CA SER B 557 -27.15 -37.78 6.84
C SER B 557 -28.02 -39.03 6.74
N GLY B 558 -29.25 -38.91 6.23
CA GLY B 558 -30.15 -40.02 6.13
C GLY B 558 -31.04 -40.24 7.35
N HIS B 559 -30.91 -39.40 8.37
CA HIS B 559 -31.75 -39.51 9.56
C HIS B 559 -33.10 -38.88 9.26
N ILE B 560 -33.90 -39.62 8.50
CA ILE B 560 -35.20 -39.12 8.06
C ILE B 560 -36.11 -38.91 9.26
N ASP B 561 -36.25 -39.94 10.10
CA ASP B 561 -37.11 -39.82 11.28
C ASP B 561 -36.74 -38.58 12.09
N ARG B 562 -35.45 -38.46 12.44
CA ARG B 562 -34.99 -37.34 13.27
C ARG B 562 -35.17 -36.00 12.55
N ALA B 563 -34.90 -35.95 11.25
CA ALA B 563 -35.02 -34.70 10.52
C ALA B 563 -36.48 -34.27 10.37
N PHE B 564 -37.39 -35.23 10.21
CA PHE B 564 -38.81 -34.90 10.10
C PHE B 564 -39.32 -34.25 11.38
N ASP B 565 -38.86 -34.72 12.54
CA ASP B 565 -39.31 -34.14 13.80
C ASP B 565 -38.91 -32.67 13.90
N ILE B 566 -37.71 -32.32 13.40
CA ILE B 566 -37.23 -30.95 13.49
C ILE B 566 -38.15 -30.01 12.73
N ILE B 567 -38.36 -30.29 11.44
CA ILE B 567 -39.19 -29.41 10.63
C ILE B 567 -40.59 -29.29 11.22
N GLU B 568 -41.09 -30.37 11.84
CA GLU B 568 -42.42 -30.32 12.43
C GLU B 568 -42.44 -29.36 13.63
N ARG B 569 -41.42 -29.42 14.48
CA ARG B 569 -41.36 -28.51 15.62
C ARG B 569 -41.31 -27.05 15.16
N LEU B 570 -40.46 -26.76 14.18
CA LEU B 570 -40.29 -25.37 13.76
C LEU B 570 -41.60 -24.73 13.33
N LYS B 571 -42.58 -25.54 12.92
CA LYS B 571 -43.89 -25.05 12.50
C LYS B 571 -43.75 -23.93 11.48
N LEU B 572 -42.80 -24.09 10.56
CA LEU B 572 -42.60 -23.11 9.50
C LEU B 572 -43.40 -23.46 8.25
N VAL B 573 -43.43 -24.73 7.88
CA VAL B 573 -44.20 -25.22 6.73
C VAL B 573 -45.39 -26.00 7.26
N PRO B 574 -46.61 -25.69 6.82
CA PRO B 574 -47.77 -26.42 7.33
C PRO B 574 -47.77 -27.88 6.87
N LEU B 575 -48.26 -28.74 7.76
CA LEU B 575 -48.46 -30.14 7.43
C LEU B 575 -49.91 -30.58 7.54
N ASN B 576 -50.75 -29.81 8.22
CA ASN B 576 -52.18 -30.04 8.28
C ASN B 576 -52.90 -28.87 7.64
N GLN B 577 -53.94 -29.17 6.86
CA GLN B 577 -54.62 -28.14 6.09
C GLN B 577 -55.08 -26.98 6.97
N GLU B 578 -55.33 -27.23 8.25
CA GLU B 578 -55.84 -26.18 9.13
C GLU B 578 -54.83 -25.08 9.35
N SER B 579 -53.54 -25.43 9.40
CA SER B 579 -52.51 -24.45 9.70
C SER B 579 -52.10 -23.62 8.48
N VAL B 580 -52.63 -23.92 7.30
CA VAL B 580 -52.15 -23.26 6.09
C VAL B 580 -52.42 -21.75 6.15
N GLU B 581 -53.59 -21.37 6.66
CA GLU B 581 -53.95 -19.95 6.68
C GLU B 581 -52.92 -19.14 7.45
N GLU B 582 -52.53 -19.61 8.65
CA GLU B 582 -51.63 -18.82 9.48
C GLU B 582 -50.19 -18.88 8.97
N ARG B 583 -49.74 -20.07 8.54
CA ARG B 583 -48.36 -20.18 8.05
C ARG B 583 -48.15 -19.30 6.83
N VAL B 584 -49.15 -19.20 5.96
CA VAL B 584 -49.03 -18.37 4.77
C VAL B 584 -48.91 -16.90 5.16
N ALA B 585 -49.68 -16.47 6.17
CA ALA B 585 -49.57 -15.10 6.64
C ALA B 585 -48.22 -14.84 7.27
N ALA B 586 -47.67 -15.85 7.96
CA ALA B 586 -46.38 -15.69 8.62
C ALA B 586 -45.27 -15.46 7.61
N PHE B 587 -45.32 -16.13 6.46
CA PHE B 587 -44.29 -15.98 5.45
C PHE B 587 -44.10 -14.52 5.05
N ARG B 588 -45.14 -13.70 5.20
CA ARG B 588 -45.06 -12.32 4.72
C ARG B 588 -44.00 -11.53 5.48
N ASN B 589 -43.79 -11.83 6.76
CA ASN B 589 -42.91 -11.06 7.62
C ASN B 589 -41.66 -11.84 8.04
N PHE B 590 -41.32 -12.92 7.33
CA PHE B 590 -40.08 -13.64 7.59
C PHE B 590 -38.95 -13.02 6.80
N SER B 591 -37.75 -13.02 7.39
CA SER B 591 -36.59 -12.44 6.75
C SER B 591 -36.37 -13.05 5.37
N ASP B 592 -36.07 -12.21 4.38
CA ASP B 592 -35.75 -12.73 3.06
C ASP B 592 -34.59 -13.71 3.10
N GLU B 593 -33.74 -13.62 4.13
CA GLU B 593 -32.72 -14.64 4.37
C GLU B 593 -33.34 -15.99 4.70
N ILE B 594 -34.59 -16.01 5.13
CA ILE B 594 -35.32 -17.26 5.32
C ILE B 594 -36.13 -17.61 4.10
N ARG B 595 -36.89 -16.65 3.56
CA ARG B 595 -37.69 -16.90 2.37
C ARG B 595 -36.83 -17.42 1.22
N HIS B 596 -35.56 -16.99 1.16
CA HIS B 596 -34.64 -17.49 0.15
C HIS B 596 -34.56 -19.02 0.19
N ASN B 597 -34.39 -19.59 1.38
CA ASN B 597 -34.19 -21.02 1.54
C ASN B 597 -35.49 -21.79 1.63
N LEU B 598 -36.64 -21.14 1.36
CA LEU B 598 -37.90 -21.85 1.40
C LEU B 598 -37.96 -22.96 0.35
N SER B 599 -37.37 -22.72 -0.82
CA SER B 599 -37.43 -23.70 -1.89
C SER B 599 -36.82 -25.03 -1.47
N GLU B 600 -35.61 -24.99 -0.90
CA GLU B 600 -34.95 -26.24 -0.52
C GLU B 600 -35.66 -26.92 0.64
N VAL B 601 -36.31 -26.16 1.51
CA VAL B 601 -37.02 -26.77 2.63
C VAL B 601 -38.22 -27.57 2.13
N LEU B 602 -39.01 -26.97 1.23
CA LEU B 602 -40.17 -27.67 0.68
C LEU B 602 -39.77 -28.97 0.01
N LEU B 603 -38.68 -28.94 -0.77
CA LEU B 603 -38.26 -30.13 -1.50
C LEU B 603 -37.77 -31.21 -0.54
N ALA B 604 -36.96 -30.82 0.45
CA ALA B 604 -36.46 -31.80 1.42
C ALA B 604 -37.60 -32.42 2.21
N THR B 605 -38.50 -31.59 2.74
CA THR B 605 -39.63 -32.12 3.50
C THR B 605 -40.49 -33.04 2.63
N MET B 606 -40.74 -32.64 1.39
CA MET B 606 -41.49 -33.51 0.49
C MET B 606 -40.75 -34.82 0.26
N ASN B 607 -39.47 -34.74 -0.12
CA ASN B 607 -38.69 -35.95 -0.34
C ASN B 607 -38.65 -36.82 0.91
N ILE B 608 -38.76 -36.22 2.10
CA ILE B 608 -38.80 -36.99 3.33
C ILE B 608 -40.08 -37.83 3.39
N LEU B 609 -41.23 -37.16 3.32
CA LEU B 609 -42.50 -37.88 3.24
C LEU B 609 -42.47 -38.88 2.08
N PHE B 610 -41.89 -38.47 0.96
CA PHE B 610 -41.74 -39.34 -0.19
C PHE B 610 -41.00 -40.63 0.19
N THR B 611 -39.90 -40.50 0.92
CA THR B 611 -39.14 -41.68 1.33
C THR B 611 -39.94 -42.54 2.31
N GLN B 612 -40.56 -41.92 3.31
CA GLN B 612 -41.32 -42.66 4.30
C GLN B 612 -42.48 -43.43 3.68
N PHE B 613 -42.98 -42.99 2.52
CA PHE B 613 -44.11 -43.66 1.90
C PHE B 613 -43.71 -45.04 1.37
N LYS B 614 -42.57 -45.13 0.70
CA LYS B 614 -42.16 -46.40 0.10
C LYS B 614 -41.88 -47.45 1.15
N ARG B 615 -41.72 -47.06 2.40
CA ARG B 615 -41.45 -48.01 3.49
C ARG B 615 -42.75 -48.65 3.95
N ASP B 633 -54.83 -44.51 8.68
CA ASP B 633 -53.60 -45.20 8.30
C ASP B 633 -52.46 -44.22 8.07
N ARG B 634 -51.23 -44.72 8.07
CA ARG B 634 -50.10 -43.85 7.80
C ARG B 634 -50.21 -43.23 6.42
N ASP B 635 -50.62 -44.03 5.43
CA ASP B 635 -50.74 -43.54 4.06
C ASP B 635 -51.64 -42.31 3.97
N SER B 636 -52.77 -42.33 4.69
CA SER B 636 -53.70 -41.21 4.61
C SER B 636 -53.03 -39.91 5.04
N GLN B 637 -52.37 -39.91 6.20
CA GLN B 637 -51.73 -38.69 6.69
C GLN B 637 -50.49 -38.35 5.87
N LEU B 638 -49.72 -39.36 5.50
CA LEU B 638 -48.47 -39.10 4.78
C LEU B 638 -48.72 -38.31 3.50
N ARG B 639 -49.70 -38.75 2.70
CA ARG B 639 -50.04 -37.99 1.51
C ARG B 639 -50.65 -36.64 1.89
N SER B 640 -51.47 -36.61 2.94
CA SER B 640 -52.08 -35.36 3.36
C SER B 640 -51.02 -34.33 3.77
N GLN B 641 -50.06 -34.74 4.60
CA GLN B 641 -48.99 -33.82 4.97
C GLN B 641 -48.19 -33.42 3.74
N ALA B 642 -47.85 -34.39 2.89
CA ALA B 642 -47.17 -34.08 1.65
C ALA B 642 -48.01 -33.15 0.79
N ARG B 643 -49.29 -33.44 0.65
CA ARG B 643 -50.16 -32.60 -0.18
C ARG B 643 -50.22 -31.18 0.36
N THR B 644 -50.42 -31.02 1.67
CA THR B 644 -50.48 -29.68 2.26
C THR B 644 -49.30 -28.84 1.80
N LEU B 645 -48.10 -29.45 1.74
CA LEU B 645 -46.93 -28.74 1.25
C LEU B 645 -47.20 -28.12 -0.12
N ILE B 646 -47.87 -28.86 -1.01
CA ILE B 646 -48.21 -28.33 -2.32
C ILE B 646 -49.15 -27.14 -2.18
N THR B 647 -50.24 -27.31 -1.42
CA THR B 647 -51.19 -26.23 -1.24
C THR B 647 -50.53 -24.98 -0.70
N PHE B 648 -49.60 -25.14 0.24
CA PHE B 648 -48.87 -24.00 0.80
C PHE B 648 -48.03 -23.32 -0.27
N ALA B 649 -47.13 -24.10 -0.91
CA ALA B 649 -46.23 -23.52 -1.90
C ALA B 649 -46.98 -22.81 -3.02
N GLY B 650 -48.19 -23.26 -3.34
CA GLY B 650 -48.96 -22.59 -4.37
C GLY B 650 -49.32 -21.17 -4.00
N MET B 651 -49.55 -20.92 -2.71
CA MET B 651 -49.97 -19.61 -2.22
C MET B 651 -48.79 -18.71 -1.88
N ILE B 652 -47.57 -19.20 -1.98
CA ILE B 652 -46.37 -18.46 -1.58
C ILE B 652 -45.59 -18.10 -2.83
N PRO B 653 -45.31 -16.81 -3.09
CA PRO B 653 -44.37 -16.46 -4.16
C PRO B 653 -42.94 -16.44 -3.65
N TYR B 654 -42.07 -17.30 -4.20
CA TYR B 654 -40.75 -17.47 -3.63
C TYR B 654 -39.75 -17.82 -4.72
N ARG B 655 -38.52 -18.11 -4.30
CA ARG B 655 -37.44 -18.41 -5.23
C ARG B 655 -37.74 -19.68 -6.02
N THR B 656 -37.49 -19.62 -7.33
CA THR B 656 -37.67 -20.76 -8.22
C THR B 656 -38.98 -21.46 -7.95
N SER B 657 -40.06 -20.69 -7.78
CA SER B 657 -41.36 -21.28 -7.51
C SER B 657 -41.85 -22.10 -8.70
N GLY B 658 -41.39 -21.79 -9.91
CA GLY B 658 -41.79 -22.53 -11.08
C GLY B 658 -41.30 -23.97 -11.06
N ASP B 659 -39.98 -24.14 -11.08
CA ASP B 659 -39.41 -25.49 -11.07
C ASP B 659 -39.78 -26.21 -9.78
N THR B 660 -39.83 -25.50 -8.66
CA THR B 660 -40.04 -26.14 -7.36
C THR B 660 -41.47 -26.67 -7.23
N ASN B 661 -42.47 -25.83 -7.54
CA ASN B 661 -43.85 -26.28 -7.46
C ASN B 661 -44.09 -27.50 -8.33
N ALA B 662 -43.38 -27.60 -9.45
CA ALA B 662 -43.55 -28.75 -10.35
C ALA B 662 -43.06 -30.02 -9.68
N ARG B 663 -41.83 -30.01 -9.15
CA ARG B 663 -41.30 -31.20 -8.50
C ARG B 663 -42.19 -31.62 -7.33
N LEU B 664 -42.70 -30.66 -6.56
CA LEU B 664 -43.57 -31.00 -5.44
C LEU B 664 -44.80 -31.77 -5.90
N VAL B 665 -45.38 -31.36 -7.02
CA VAL B 665 -46.58 -32.05 -7.50
C VAL B 665 -46.22 -33.43 -8.04
N GLN B 666 -45.08 -33.54 -8.72
CA GLN B 666 -44.67 -34.82 -9.28
C GLN B 666 -44.45 -35.85 -8.19
N MET B 667 -43.75 -35.46 -7.11
CA MET B 667 -43.46 -36.41 -6.05
C MET B 667 -44.72 -36.86 -5.33
N GLU B 668 -45.77 -36.03 -5.32
CA GLU B 668 -46.97 -36.41 -4.61
C GLU B 668 -47.75 -37.45 -5.42
N VAL B 669 -47.64 -37.39 -6.75
CA VAL B 669 -48.36 -38.34 -7.60
C VAL B 669 -47.79 -39.74 -7.45
N LEU B 670 -46.45 -39.83 -7.33
CA LEU B 670 -45.82 -41.14 -7.19
C LEU B 670 -46.26 -41.86 -5.92
N MET B 671 -46.63 -41.11 -4.88
CA MET B 671 -47.07 -41.74 -3.65
C MET B 671 -48.27 -42.65 -3.89
N ASN B 672 -49.30 -42.12 -4.54
CA ASN B 672 -50.52 -42.88 -4.78
C ASN B 672 -50.27 -44.07 -5.70
N ALA C 6 23.59 42.57 6.14
CA ALA C 6 24.71 41.70 5.77
C ALA C 6 25.12 40.77 6.91
N PRO C 7 24.27 39.80 7.25
CA PRO C 7 24.58 38.90 8.37
C PRO C 7 25.66 37.91 8.02
N PRO C 8 26.58 37.62 8.94
CA PRO C 8 27.60 36.61 8.69
C PRO C 8 27.02 35.20 8.77
N VAL C 9 27.70 34.27 8.12
CA VAL C 9 27.29 32.88 8.10
C VAL C 9 28.36 31.96 8.69
N ARG C 10 29.30 32.50 9.46
CA ARG C 10 30.38 31.69 10.03
C ARG C 10 29.96 31.21 11.41
N SER C 11 29.67 29.91 11.52
CA SER C 11 29.30 29.33 12.79
C SER C 11 30.54 29.19 13.67
N ILE C 12 30.35 29.39 14.98
CA ILE C 12 31.46 29.21 15.92
C ILE C 12 31.97 27.78 15.82
N TYR C 13 33.27 27.63 15.60
CA TYR C 13 33.88 26.33 15.45
C TYR C 13 34.83 26.05 16.61
N ALA D 6 -16.68 -45.65 -31.43
CA ALA D 6 -17.09 -44.90 -32.61
C ALA D 6 -18.02 -43.74 -32.25
N PRO D 7 -17.50 -42.77 -31.50
CA PRO D 7 -18.33 -41.63 -31.08
C PRO D 7 -18.56 -40.67 -32.22
N PRO D 8 -19.76 -40.07 -32.31
CA PRO D 8 -20.01 -39.10 -33.38
C PRO D 8 -19.31 -37.78 -33.12
N VAL D 9 -19.12 -37.03 -34.20
CA VAL D 9 -18.50 -35.71 -34.17
C VAL D 9 -19.50 -34.63 -34.60
N ARG D 10 -20.80 -34.95 -34.55
CA ARG D 10 -21.85 -34.00 -34.91
C ARG D 10 -22.30 -33.30 -33.63
N SER D 11 -22.00 -32.02 -33.52
CA SER D 11 -22.37 -31.26 -32.33
C SER D 11 -23.87 -31.04 -32.27
N ILE D 12 -24.41 -31.06 -31.05
CA ILE D 12 -25.82 -30.75 -30.87
C ILE D 12 -26.06 -29.34 -31.39
N TYR D 13 -26.92 -29.22 -32.41
CA TYR D 13 -27.21 -27.91 -33.00
C TYR D 13 -28.70 -27.60 -32.81
#